data_9U9E
#
_entry.id   9U9E
#
_cell.length_a   1.00
_cell.length_b   1.00
_cell.length_c   1.00
_cell.angle_alpha   90.00
_cell.angle_beta   90.00
_cell.angle_gamma   90.00
#
_symmetry.space_group_name_H-M   'P 1'
#
loop_
_entity.id
_entity.type
_entity.pdbx_description
1 polymer 'mRNA m(6)A methyltransferase'
2 polymer 'MT-a70 family protein MTA9'
3 polymer 'Myb-like DNA-binding domain protein'
4 polymer 'Transmembrane protein, putative'
5 polymer 'DNA (27-MER)'
6 polymer 'DNA (27-MER)'
7 non-polymer S-ADENOSYLMETHIONINE
#
loop_
_entity_poly.entity_id
_entity_poly.type
_entity_poly.pdbx_seq_one_letter_code
_entity_poly.pdbx_strand_id
1 'polypeptide(L)'
;GPEFKLMSKAVNKKGLRPRKSDSILDHIKNKLDQEFLEDNENGEQSDEDYDQKSLNKAKKPYKKRQTQNGSELVISQQKT
KAKASANNKKSAKNSQKLDEEEKIVEEEDLSPQKNGAVSEDDQQQEASTQEDDYLDRLPKSKKGLQGLLQDIEKRILHYK
QLFFKEQNEIANGKRSMVPDNSIPICSDVTKLNFQALIDAQMRHAGKMFDVIMMDPPWQLSSSQPSRGVAIAYDSLSDEK
IQNMPIQSLQQDGFIFVWAINAKYRVTIKMIENWGYKLVDEITWVKKTVNGKIAKGHGFYLQHAKESCLIGVKGDVDNGR
FKKNIASDVIFSERRGQSQKPEEIYQYINQLCPNGNYLEIFARRNNLHDNWVSIGNEL
;
A
2 'polypeptide(L)'
;GPGRPMAPKKQEQEPIRLSTRTASKKVDYLQLSNGKLEDFFDDLEEDNKPARNRSRSKKRGRKPLKKADSRSKTPSRVSN
ARGRSKSLGPRKTYPRKKNLSPDNQLSLLLKWRNDKIPLKSASETDNKCKVVNVKNIFKSDLSKYGANLQALFINALWKV
KSRKEKEGLNINDLSNLKIPLSLMKNGILFIWSEKEILGQIVEIMEQKGFTYIENFSIMFLGLNKCLQSINHKDEDSQNS
TASTNNTNNEAITSDLTLKDTSKFSDQIQDNHSEDSDQARKQQTPDDITQKKNKLLKKSSVPSIQKLFEEDPVQTPSVNK
PIEKSIEQVTQEKKFVMNNLDILKSTDINNLFLRNNYPYFKKTRHTLLMFRRIGDKNQKLELRHQRTSDVVFEVTDEQDP
SKVDTMMKEYVYQMIETLLPKAQFIPGVDKHLKMMELFASTDNYRPGWISVIEKGAPWSHPQFEKGGGSGGGSGGGSWSH
PQFEK
;
B
3 'polypeptide(L)'
;GPGRPSLKKGKFQHNQSKSLWNYTLSPGWREEEVKILKSALQLFGIGKWKKIMESGCLPGKSIGQIYMQTQRLLGQQSLG
DFMGLQIDLEAVFNQNMKKQDVLRKNNCIINTGDNPTKEERKRRIEQNRKIYGLSAKQIAEIKLPKVKKHAPQYMTLEDI
ENEKFTNLEILTHLYNLKAEIVRRLAEQGETIAQPSIIKSLNNLNHNLEQNQNSNSSTETKVTLEQSGKKKYKVLAIEET
ELQNGPIATNSQKKSINGKRKNNRKINSDSEGNEEDISLEDIDSQESEINSEEIVEDDEEDEQIEEPSKIKKRKKNPEQE
SEEDDIEEDQEEDELVVNEEEIFEDDDDDEDNQDSSEDDDDDED
;
C
4 'polypeptide(L)'
;GPEFMKKNGKSQNQPLDFTQYAKNMRKDLSNQDICLEDGALNHSYFLTKKGQYWTPLNQKALQRGIELFGVGNWKEINYD
EFSGKANIVELELRTCMILGINDITEYYGKKISEEEQEEIKKSNIAKGKKENKLKDNIYQKLQQMQ
;
D
5 'polydeoxyribonucleotide'
;(DA)(DG)(DT)(DT)(DA)(DA)(DA)(DG)(DT)(DT)(DA)(DA)(DG)(DA)(DT)(DG)(DT)(DT)(DA)(DA)
(DG)(DA)(DA)(DA)(DG)(DT)(DT)
;
E
6 'polydeoxyribonucleotide'
;(DA)(DA)(DC)(DT)(DT)(DT)(DC)(DT)(DT)(DA)(DA)(DC)(6MA)(DT)(DC)(DT)(DT)(DA)(DA)
(DC)(DT)(DT)(DT)(DA)(DA)(DC)(DT)
;
F
#
loop_
_chem_comp.id
_chem_comp.type
_chem_comp.name
_chem_comp.formula
6MA DNA linking N6-METHYL-DEOXY-ADENOSINE-5'-MONOPHOSPHATE 'C11 H16 N5 O6 P'
DA DNA linking 2'-DEOXYADENOSINE-5'-MONOPHOSPHATE 'C10 H14 N5 O6 P'
DC DNA linking 2'-DEOXYCYTIDINE-5'-MONOPHOSPHATE 'C9 H14 N3 O7 P'
DG DNA linking 2'-DEOXYGUANOSINE-5'-MONOPHOSPHATE 'C10 H14 N5 O7 P'
DT DNA linking THYMIDINE-5'-MONOPHOSPHATE 'C10 H15 N2 O8 P'
SAM non-polymer S-ADENOSYLMETHIONINE 'C15 H22 N6 O5 S'
#
# COMPACT_ATOMS: atom_id res chain seq x y z
N SER A 141 -38.42 -11.83 26.92
CA SER A 141 -38.22 -11.22 25.61
C SER A 141 -39.04 -11.95 24.54
N LYS A 142 -40.35 -11.67 24.51
CA LYS A 142 -41.25 -12.28 23.55
C LYS A 142 -41.84 -11.27 22.57
N LYS A 143 -42.46 -10.20 23.08
CA LYS A 143 -42.97 -9.15 22.21
C LYS A 143 -41.83 -8.44 21.48
N GLY A 144 -40.74 -8.16 22.20
CA GLY A 144 -39.56 -7.60 21.55
C GLY A 144 -38.97 -8.55 20.53
N LEU A 145 -38.99 -9.85 20.83
CA LEU A 145 -38.54 -10.86 19.86
C LEU A 145 -39.43 -10.89 18.63
N GLN A 146 -40.75 -10.75 18.82
CA GLN A 146 -41.66 -10.69 17.69
C GLN A 146 -41.40 -9.46 16.83
N GLY A 147 -41.16 -8.31 17.48
CA GLY A 147 -40.81 -7.11 16.72
C GLY A 147 -39.50 -7.26 15.98
N LEU A 148 -38.51 -7.91 16.61
CA LEU A 148 -37.24 -8.17 15.95
C LEU A 148 -37.42 -9.08 14.74
N LEU A 149 -38.27 -10.11 14.87
CA LEU A 149 -38.54 -11.00 13.75
C LEU A 149 -39.24 -10.27 12.61
N GLN A 150 -40.20 -9.40 12.94
CA GLN A 150 -40.87 -8.61 11.91
C GLN A 150 -39.91 -7.68 11.20
N ASP A 151 -39.03 -7.01 11.95
CA ASP A 151 -38.04 -6.14 11.35
C ASP A 151 -37.05 -6.92 10.49
N ILE A 152 -36.69 -8.13 10.93
CA ILE A 152 -35.79 -8.98 10.16
C ILE A 152 -36.44 -9.40 8.86
N GLU A 153 -37.72 -9.77 8.90
CA GLU A 153 -38.42 -10.12 7.67
C GLU A 153 -38.56 -8.93 6.74
N LYS A 154 -38.81 -7.73 7.28
CA LYS A 154 -38.87 -6.54 6.45
C LYS A 154 -37.54 -6.23 5.78
N ARG A 155 -36.45 -6.34 6.53
CA ARG A 155 -35.12 -6.14 5.95
C ARG A 155 -34.78 -7.23 4.94
N ILE A 156 -35.24 -8.46 5.19
CA ILE A 156 -35.05 -9.55 4.24
C ILE A 156 -35.74 -9.21 2.93
N LEU A 157 -36.98 -8.73 3.01
CA LEU A 157 -37.72 -8.36 1.80
C LEU A 157 -37.04 -7.20 1.08
N HIS A 158 -36.56 -6.21 1.83
CA HIS A 158 -35.91 -5.05 1.21
C HIS A 158 -34.62 -5.44 0.50
N TYR A 159 -33.76 -6.21 1.17
CA TYR A 159 -32.51 -6.62 0.54
C TYR A 159 -32.74 -7.64 -0.57
N LYS A 160 -33.82 -8.43 -0.47
CA LYS A 160 -34.17 -9.34 -1.56
C LYS A 160 -34.59 -8.56 -2.79
N GLN A 161 -35.38 -7.50 -2.61
CA GLN A 161 -35.74 -6.65 -3.73
C GLN A 161 -34.53 -5.94 -4.32
N LEU A 162 -33.60 -5.51 -3.47
CA LEU A 162 -32.37 -4.89 -3.96
C LEU A 162 -31.53 -5.87 -4.77
N PHE A 163 -31.39 -7.10 -4.29
CA PHE A 163 -30.65 -8.12 -5.02
C PHE A 163 -31.32 -8.45 -6.34
N PHE A 164 -32.65 -8.53 -6.34
CA PHE A 164 -33.39 -8.80 -7.57
C PHE A 164 -33.21 -7.68 -8.59
N LYS A 165 -33.26 -6.43 -8.14
CA LYS A 165 -33.02 -5.30 -9.05
C LYS A 165 -31.61 -5.34 -9.60
N GLU A 166 -30.62 -5.62 -8.75
CA GLU A 166 -29.23 -5.68 -9.20
C GLU A 166 -29.05 -6.76 -10.26
N GLN A 167 -29.57 -7.96 -10.02
CA GLN A 167 -29.35 -9.04 -10.97
C GLN A 167 -30.21 -8.90 -12.22
N ASN A 168 -31.36 -8.22 -12.12
CA ASN A 168 -32.10 -7.91 -13.34
C ASN A 168 -31.37 -6.89 -14.18
N GLU A 169 -30.69 -5.94 -13.54
CA GLU A 169 -29.83 -5.02 -14.27
C GLU A 169 -28.66 -5.76 -14.92
N ILE A 170 -28.07 -6.71 -14.19
CA ILE A 170 -26.95 -7.48 -14.74
C ILE A 170 -27.39 -8.30 -15.94
N ALA A 171 -28.56 -8.94 -15.84
CA ALA A 171 -29.07 -9.75 -16.94
C ALA A 171 -29.40 -8.88 -18.15
N ASN A 172 -29.93 -7.68 -17.93
CA ASN A 172 -30.28 -6.78 -19.02
C ASN A 172 -29.12 -5.83 -19.36
N GLY A 173 -27.94 -6.40 -19.56
CA GLY A 173 -26.79 -5.67 -20.06
C GLY A 173 -26.31 -4.50 -19.23
N LYS A 174 -25.80 -4.76 -18.03
CA LYS A 174 -25.23 -3.71 -17.19
C LYS A 174 -23.73 -3.65 -17.45
N ARG A 175 -23.27 -2.52 -17.96
CA ARG A 175 -21.85 -2.36 -18.24
C ARG A 175 -21.08 -2.17 -16.94
N SER A 176 -20.00 -2.92 -16.78
CA SER A 176 -19.15 -2.84 -15.61
C SER A 176 -18.14 -1.71 -15.77
N MET A 177 -17.32 -1.49 -14.75
CA MET A 177 -16.35 -0.41 -14.79
C MET A 177 -15.11 -0.72 -15.61
N VAL A 178 -14.80 -1.99 -15.83
CA VAL A 178 -13.64 -2.37 -16.63
C VAL A 178 -13.97 -2.15 -18.10
N PRO A 179 -13.12 -1.45 -18.85
CA PRO A 179 -13.42 -1.19 -20.26
C PRO A 179 -13.38 -2.47 -21.10
N ASP A 180 -13.97 -2.37 -22.29
CA ASP A 180 -14.20 -3.55 -23.13
C ASP A 180 -12.89 -4.17 -23.59
N ASN A 181 -11.91 -3.36 -23.95
CA ASN A 181 -10.66 -3.88 -24.53
C ASN A 181 -9.62 -4.19 -23.46
N SER A 182 -9.99 -5.02 -22.49
CA SER A 182 -9.07 -5.45 -21.44
C SER A 182 -8.97 -6.96 -21.43
N ILE A 183 -7.80 -7.46 -21.04
CA ILE A 183 -7.55 -8.90 -20.99
C ILE A 183 -7.26 -9.31 -19.55
N PRO A 184 -8.27 -9.65 -18.77
CA PRO A 184 -8.01 -10.06 -17.38
C PRO A 184 -7.72 -11.54 -17.28
N ILE A 185 -6.61 -11.91 -16.66
CA ILE A 185 -6.21 -13.30 -16.48
C ILE A 185 -6.23 -13.60 -14.99
N CYS A 186 -7.06 -14.55 -14.58
CA CYS A 186 -7.14 -14.97 -13.19
C CYS A 186 -6.36 -16.28 -13.05
N SER A 187 -5.05 -16.15 -12.87
CA SER A 187 -4.19 -17.31 -12.76
C SER A 187 -3.05 -17.01 -11.80
N ASP A 188 -2.49 -18.08 -11.25
CA ASP A 188 -1.33 -17.97 -10.38
C ASP A 188 -0.07 -17.99 -11.22
N VAL A 189 0.81 -17.01 -11.00
CA VAL A 189 1.98 -16.84 -11.85
C VAL A 189 2.97 -17.98 -11.74
N THR A 190 2.98 -18.70 -10.62
CA THR A 190 3.87 -19.85 -10.50
C THR A 190 3.40 -21.02 -11.34
N LYS A 191 2.10 -21.08 -11.64
CA LYS A 191 1.55 -22.17 -12.44
C LYS A 191 0.99 -21.72 -13.78
N LEU A 192 1.06 -20.42 -14.10
CA LEU A 192 0.50 -19.94 -15.34
C LEU A 192 1.39 -20.34 -16.52
N ASN A 193 0.75 -20.79 -17.60
CA ASN A 193 1.44 -21.14 -18.83
C ASN A 193 1.68 -19.85 -19.61
N PHE A 194 2.86 -19.27 -19.40
CA PHE A 194 3.24 -18.05 -20.11
C PHE A 194 3.43 -18.27 -21.60
N GLN A 195 3.70 -19.52 -22.01
CA GLN A 195 3.85 -19.81 -23.43
C GLN A 195 2.55 -19.57 -24.18
N ALA A 196 1.41 -19.80 -23.53
CA ALA A 196 0.13 -19.45 -24.15
C ALA A 196 0.03 -17.96 -24.39
N LEU A 197 0.46 -17.15 -23.41
CA LEU A 197 0.46 -15.70 -23.57
C LEU A 197 1.35 -15.27 -24.73
N ILE A 198 2.55 -15.83 -24.81
CA ILE A 198 3.48 -15.47 -25.88
C ILE A 198 2.93 -15.88 -27.23
N ASP A 199 2.40 -17.10 -27.33
CA ASP A 199 1.91 -17.62 -28.60
C ASP A 199 0.71 -16.82 -29.09
N ALA A 200 -0.23 -16.51 -28.20
CA ALA A 200 -1.40 -15.74 -28.64
C ALA A 200 -1.06 -14.30 -28.94
N GLN A 201 -0.07 -13.73 -28.23
CA GLN A 201 0.35 -12.37 -28.56
C GLN A 201 1.03 -12.31 -29.92
N MET A 202 1.85 -13.30 -30.25
CA MET A 202 2.41 -13.38 -31.60
C MET A 202 1.32 -13.64 -32.64
N ARG A 203 0.30 -14.43 -32.30
CA ARG A 203 -0.72 -14.77 -33.27
C ARG A 203 -1.63 -13.58 -33.56
N HIS A 204 -1.91 -12.76 -32.55
CA HIS A 204 -2.86 -11.65 -32.70
C HIS A 204 -2.16 -10.30 -32.91
N ALA A 205 -1.32 -9.90 -31.96
CA ALA A 205 -0.67 -8.60 -32.04
C ALA A 205 0.47 -8.60 -33.06
N GLY A 206 1.20 -9.70 -33.17
CA GLY A 206 2.34 -9.78 -34.05
C GLY A 206 3.65 -9.32 -33.45
N LYS A 207 3.63 -8.81 -32.22
CA LYS A 207 4.84 -8.32 -31.56
C LYS A 207 4.64 -8.41 -30.05
N MET A 208 5.75 -8.62 -29.35
CA MET A 208 5.70 -8.74 -27.89
C MET A 208 5.32 -7.40 -27.26
N PHE A 209 5.04 -7.44 -25.97
CA PHE A 209 4.53 -6.27 -25.28
C PHE A 209 5.58 -5.16 -25.20
N ASP A 210 5.13 -3.92 -25.39
CA ASP A 210 6.02 -2.78 -25.34
C ASP A 210 6.26 -2.27 -23.91
N VAL A 211 5.32 -2.52 -23.00
CA VAL A 211 5.47 -2.12 -21.61
C VAL A 211 4.95 -3.26 -20.72
N ILE A 212 5.74 -3.64 -19.72
CA ILE A 212 5.31 -4.55 -18.68
C ILE A 212 5.22 -3.75 -17.40
N MET A 213 4.04 -3.70 -16.79
CA MET A 213 3.89 -3.07 -15.49
C MET A 213 3.79 -4.16 -14.43
N MET A 214 4.67 -4.09 -13.43
CA MET A 214 4.74 -5.07 -12.37
C MET A 214 4.61 -4.35 -11.04
N ASP A 215 3.71 -4.82 -10.18
CA ASP A 215 3.67 -4.36 -8.80
C ASP A 215 3.57 -5.64 -7.98
N PRO A 216 4.71 -6.23 -7.63
CA PRO A 216 4.72 -7.59 -7.10
C PRO A 216 4.17 -7.66 -5.69
N PRO A 217 3.70 -8.84 -5.26
CA PRO A 217 3.24 -9.02 -3.87
C PRO A 217 4.43 -9.35 -2.97
N TRP A 218 5.14 -8.31 -2.55
CA TRP A 218 6.34 -8.49 -1.76
C TRP A 218 6.01 -8.96 -0.36
N GLN A 219 6.99 -9.60 0.27
CA GLN A 219 6.88 -10.04 1.66
C GLN A 219 7.11 -8.84 2.56
N LEU A 220 6.04 -8.16 2.95
CA LEU A 220 6.16 -7.00 3.84
C LEU A 220 5.51 -7.26 5.19
N SER A 221 4.23 -7.63 5.22
CA SER A 221 3.54 -7.93 6.46
C SER A 221 2.54 -9.05 6.19
N SER A 222 1.65 -9.29 7.14
CA SER A 222 0.65 -10.33 7.04
C SER A 222 -0.74 -9.72 6.86
N SER A 223 -1.74 -10.59 6.67
CA SER A 223 -3.11 -10.12 6.54
C SER A 223 -3.71 -9.70 7.87
N GLN A 224 -3.09 -10.10 8.98
CA GLN A 224 -3.55 -9.74 10.32
C GLN A 224 -2.37 -9.13 11.07
N PRO A 225 -2.04 -7.88 10.79
CA PRO A 225 -0.87 -7.26 11.42
C PRO A 225 -1.15 -6.86 12.86
N SER A 226 -0.06 -6.57 13.57
CA SER A 226 -0.17 -6.09 14.94
C SER A 226 -0.03 -4.58 15.05
N ARG A 227 0.71 -3.95 14.16
CA ARG A 227 1.04 -2.53 14.37
C ARG A 227 0.67 -1.63 13.21
N GLY A 228 0.88 -2.07 11.97
CA GLY A 228 0.80 -1.14 10.86
C GLY A 228 0.01 -1.60 9.65
N VAL A 229 0.69 -1.64 8.49
CA VAL A 229 0.03 -1.95 7.23
C VAL A 229 -0.55 -3.35 7.28
N ALA A 230 -1.62 -3.56 6.51
CA ALA A 230 -2.46 -4.74 6.64
C ALA A 230 -2.59 -5.47 5.31
N ILE A 231 -1.45 -5.80 4.70
CA ILE A 231 -1.39 -6.38 3.36
C ILE A 231 -2.25 -7.63 3.29
N ALA A 232 -3.37 -7.53 2.58
CA ALA A 232 -4.33 -8.63 2.46
C ALA A 232 -4.18 -9.40 1.17
N TYR A 233 -2.97 -9.87 0.86
CA TYR A 233 -2.81 -10.75 -0.29
C TYR A 233 -1.60 -11.63 -0.09
N ASP A 234 -1.55 -12.72 -0.84
CA ASP A 234 -0.52 -13.72 -0.67
C ASP A 234 0.83 -13.16 -1.11
N SER A 235 1.80 -13.21 -0.21
CA SER A 235 3.14 -12.78 -0.52
C SER A 235 3.81 -13.77 -1.47
N LEU A 236 4.78 -13.26 -2.22
CA LEU A 236 5.60 -14.09 -3.10
C LEU A 236 7.06 -13.89 -2.76
N SER A 237 7.81 -14.99 -2.72
CA SER A 237 9.24 -14.92 -2.50
C SER A 237 9.92 -14.24 -3.67
N ASP A 238 11.10 -13.66 -3.40
CA ASP A 238 11.84 -13.00 -4.46
C ASP A 238 12.31 -13.98 -5.53
N GLU A 239 12.52 -15.24 -5.15
CA GLU A 239 12.89 -16.25 -6.13
C GLU A 239 11.75 -16.49 -7.12
N LYS A 240 10.50 -16.48 -6.64
CA LYS A 240 9.37 -16.71 -7.52
C LYS A 240 9.15 -15.55 -8.49
N ILE A 241 9.30 -14.31 -8.01
CA ILE A 241 9.22 -13.15 -8.88
C ILE A 241 10.38 -13.15 -9.87
N GLN A 242 11.55 -13.63 -9.44
CA GLN A 242 12.69 -13.76 -10.33
C GLN A 242 12.41 -14.77 -11.45
N ASN A 243 11.73 -15.86 -11.13
CA ASN A 243 11.61 -17.00 -12.03
C ASN A 243 10.60 -16.79 -13.15
N MET A 244 10.03 -15.59 -13.27
CA MET A 244 9.10 -15.32 -14.36
C MET A 244 9.85 -15.22 -15.68
N PRO A 245 9.29 -15.74 -16.77
CA PRO A 245 9.94 -15.59 -18.08
C PRO A 245 9.71 -14.20 -18.67
N ILE A 246 10.14 -13.16 -17.96
CA ILE A 246 10.02 -11.81 -18.47
C ILE A 246 10.95 -11.60 -19.65
N GLN A 247 12.17 -12.16 -19.58
CA GLN A 247 13.12 -12.04 -20.68
C GLN A 247 12.62 -12.72 -21.94
N SER A 248 11.85 -13.79 -21.80
CA SER A 248 11.26 -14.49 -22.93
C SER A 248 9.93 -13.89 -23.35
N LEU A 249 9.48 -12.82 -22.70
CA LEU A 249 8.18 -12.24 -22.98
C LEU A 249 8.29 -10.88 -23.68
N GLN A 250 9.47 -10.26 -23.70
CA GLN A 250 9.67 -8.98 -24.33
C GLN A 250 10.91 -9.03 -25.21
N GLN A 251 10.92 -8.17 -26.22
CA GLN A 251 12.07 -8.03 -27.11
C GLN A 251 12.64 -6.61 -27.12
N ASP A 252 11.78 -5.60 -27.14
CA ASP A 252 12.22 -4.22 -27.04
C ASP A 252 11.11 -3.41 -26.38
N GLY A 253 11.38 -2.87 -25.19
CA GLY A 253 10.36 -2.15 -24.47
C GLY A 253 10.76 -1.63 -23.11
N PHE A 254 9.80 -1.59 -22.18
CA PHE A 254 10.01 -0.97 -20.88
C PHE A 254 9.44 -1.86 -19.78
N ILE A 255 10.23 -2.09 -18.74
CA ILE A 255 9.73 -2.61 -17.48
C ILE A 255 9.38 -1.43 -16.58
N PHE A 256 8.30 -1.58 -15.84
CA PHE A 256 7.72 -0.56 -14.96
C PHE A 256 7.46 -1.14 -13.58
N VAL A 257 8.46 -1.80 -13.02
CA VAL A 257 8.24 -2.64 -11.85
C VAL A 257 8.19 -1.77 -10.59
N TRP A 258 7.10 -1.87 -9.84
CA TRP A 258 6.96 -1.15 -8.59
C TRP A 258 7.76 -1.84 -7.51
N ALA A 259 8.19 -1.06 -6.52
CA ALA A 259 9.05 -1.59 -5.48
C ALA A 259 8.73 -0.93 -4.14
N ILE A 260 9.14 -1.59 -3.08
CA ILE A 260 9.09 -1.03 -1.74
C ILE A 260 10.52 -0.80 -1.28
N ASN A 261 10.66 -0.15 -0.12
CA ASN A 261 12.00 0.18 0.37
C ASN A 261 12.78 -1.06 0.77
N ALA A 262 12.10 -2.08 1.29
CA ALA A 262 12.79 -3.32 1.63
C ALA A 262 13.21 -4.08 0.38
N LYS A 263 12.47 -3.92 -0.70
CA LYS A 263 12.70 -4.68 -1.94
C LYS A 263 13.15 -3.77 -3.08
N TYR A 264 13.71 -2.61 -2.77
CA TYR A 264 14.21 -1.71 -3.80
C TYR A 264 15.46 -2.30 -4.47
N ARG A 265 16.42 -2.75 -3.66
CA ARG A 265 17.66 -3.30 -4.21
C ARG A 265 17.39 -4.57 -5.01
N VAL A 266 16.54 -5.46 -4.49
CA VAL A 266 16.22 -6.67 -5.25
C VAL A 266 15.41 -6.34 -6.50
N THR A 267 14.69 -5.21 -6.51
CA THR A 267 14.02 -4.79 -7.72
C THR A 267 15.03 -4.34 -8.78
N ILE A 268 16.05 -3.58 -8.36
CA ILE A 268 17.12 -3.20 -9.28
C ILE A 268 17.82 -4.45 -9.82
N LYS A 269 18.09 -5.42 -8.93
CA LYS A 269 18.73 -6.65 -9.36
C LYS A 269 17.85 -7.44 -10.33
N MET A 270 16.54 -7.49 -10.07
CA MET A 270 15.61 -8.18 -10.97
C MET A 270 15.59 -7.54 -12.34
N ILE A 271 15.61 -6.21 -12.39
CA ILE A 271 15.73 -5.52 -13.67
C ILE A 271 17.06 -5.87 -14.34
N GLU A 272 18.12 -5.98 -13.54
CA GLU A 272 19.46 -6.22 -14.11
C GLU A 272 19.55 -7.61 -14.74
N ASN A 273 19.11 -8.64 -14.04
CA ASN A 273 19.27 -10.00 -14.56
C ASN A 273 18.15 -10.43 -15.48
N TRP A 274 17.18 -9.56 -15.74
CA TRP A 274 16.22 -9.78 -16.81
C TRP A 274 16.72 -9.24 -18.14
N GLY A 275 17.97 -8.77 -18.19
CA GLY A 275 18.53 -8.21 -19.40
C GLY A 275 18.19 -6.77 -19.66
N TYR A 276 17.70 -6.05 -18.65
CA TYR A 276 17.21 -4.69 -18.84
C TYR A 276 18.19 -3.70 -18.22
N LYS A 277 18.07 -2.45 -18.64
CA LYS A 277 18.92 -1.35 -18.16
C LYS A 277 18.04 -0.37 -17.41
N LEU A 278 18.13 -0.39 -16.08
CA LEU A 278 17.35 0.55 -15.26
C LEU A 278 17.81 1.96 -15.54
N VAL A 279 16.91 2.79 -16.07
CA VAL A 279 17.31 4.12 -16.50
C VAL A 279 16.46 5.18 -15.85
N ASP A 280 15.22 4.85 -15.48
CA ASP A 280 14.32 5.85 -14.95
C ASP A 280 13.64 5.34 -13.68
N GLU A 281 13.16 6.28 -12.88
CA GLU A 281 12.35 5.95 -11.70
C GLU A 281 11.26 6.99 -11.56
N ILE A 282 10.03 6.53 -11.40
CA ILE A 282 8.88 7.39 -11.19
C ILE A 282 8.45 7.24 -9.74
N THR A 283 8.44 8.35 -9.00
CA THR A 283 8.01 8.36 -7.61
C THR A 283 6.56 8.82 -7.56
N TRP A 284 5.69 7.96 -7.08
CA TRP A 284 4.30 8.31 -6.80
C TRP A 284 4.25 8.83 -5.38
N VAL A 285 4.06 10.13 -5.22
CA VAL A 285 3.89 10.76 -3.93
C VAL A 285 2.43 10.67 -3.55
N LYS A 286 2.15 9.98 -2.45
CA LYS A 286 0.79 9.77 -2.01
C LYS A 286 0.21 11.05 -1.42
N LYS A 287 -1.00 11.39 -1.84
CA LYS A 287 -1.64 12.63 -1.48
C LYS A 287 -2.90 12.32 -0.69
N THR A 288 -3.12 13.09 0.39
CA THR A 288 -4.36 12.99 1.13
C THR A 288 -5.50 13.62 0.31
N VAL A 289 -6.74 13.32 0.72
CA VAL A 289 -7.89 13.88 0.03
C VAL A 289 -7.94 15.40 0.20
N ASN A 290 -7.37 15.92 1.29
CA ASN A 290 -7.28 17.36 1.46
C ASN A 290 -6.21 17.98 0.57
N GLY A 291 -5.11 17.27 0.34
CA GLY A 291 -4.05 17.79 -0.51
C GLY A 291 -2.68 17.73 0.11
N LYS A 292 -2.58 17.12 1.29
CA LYS A 292 -1.31 16.98 1.99
C LYS A 292 -0.57 15.77 1.43
N ILE A 293 0.50 15.35 2.10
CA ILE A 293 1.20 14.12 1.75
C ILE A 293 0.68 13.01 2.64
N ALA A 294 0.22 11.93 2.01
CA ALA A 294 -0.29 10.78 2.75
C ALA A 294 0.90 10.02 3.32
N LYS A 295 1.40 10.53 4.45
CA LYS A 295 2.56 9.93 5.09
C LYS A 295 2.17 8.61 5.73
N GLY A 296 2.98 7.57 5.48
CA GLY A 296 2.75 6.27 6.07
C GLY A 296 3.63 6.05 7.29
N HIS A 297 4.44 4.99 7.26
CA HIS A 297 5.35 4.71 8.37
C HIS A 297 6.54 3.94 7.84
N GLY A 298 7.64 3.99 8.58
CA GLY A 298 8.85 3.36 8.15
C GLY A 298 9.76 2.99 9.30
N PHE A 299 11.05 2.83 8.98
CA PHE A 299 12.08 2.56 9.97
C PHE A 299 13.19 3.59 10.00
N TYR A 300 13.41 4.32 8.91
CA TYR A 300 14.35 5.42 8.89
C TYR A 300 13.66 6.75 8.59
N LEU A 301 12.89 6.81 7.52
CA LEU A 301 12.04 7.96 7.23
C LEU A 301 10.62 7.47 7.07
N GLN A 302 9.67 8.37 7.31
CA GLN A 302 8.26 8.03 7.23
C GLN A 302 7.88 7.90 5.76
N HIS A 303 7.64 6.66 5.31
CA HIS A 303 7.41 6.39 3.90
C HIS A 303 6.14 7.06 3.41
N ALA A 304 6.28 7.93 2.42
CA ALA A 304 5.11 8.62 1.87
C ALA A 304 5.13 8.60 0.35
N LYS A 305 5.78 7.63 -0.27
CA LYS A 305 5.83 7.53 -1.72
C LYS A 305 6.17 6.09 -2.11
N GLU A 306 5.96 5.79 -3.38
CA GLU A 306 6.30 4.49 -3.94
C GLU A 306 7.11 4.67 -5.22
N SER A 307 8.09 3.81 -5.42
CA SER A 307 9.00 3.93 -6.55
C SER A 307 8.70 2.87 -7.59
N CYS A 308 8.39 3.31 -8.81
CA CYS A 308 8.25 2.44 -9.97
C CYS A 308 9.51 2.60 -10.82
N LEU A 309 10.32 1.55 -10.87
CA LEU A 309 11.55 1.59 -11.63
C LEU A 309 11.27 1.19 -13.08
N ILE A 310 11.69 2.03 -14.01
CA ILE A 310 11.52 1.82 -15.44
C ILE A 310 12.87 1.48 -16.05
N GLY A 311 12.92 0.37 -16.78
CA GLY A 311 14.10 -0.03 -17.50
C GLY A 311 13.79 -0.31 -18.95
N VAL A 312 14.82 -0.20 -19.79
CA VAL A 312 14.69 -0.47 -21.21
C VAL A 312 15.43 -1.76 -21.54
N LYS A 313 15.04 -2.38 -22.65
CA LYS A 313 15.66 -3.63 -23.08
C LYS A 313 16.38 -3.49 -24.41
N GLY A 314 15.71 -3.01 -25.45
CA GLY A 314 16.32 -3.00 -26.78
C GLY A 314 16.07 -1.72 -27.56
N ASP A 315 15.56 -1.88 -28.78
CA ASP A 315 15.33 -0.74 -29.66
C ASP A 315 14.18 0.11 -29.15
N VAL A 316 14.46 1.37 -28.83
CA VAL A 316 13.46 2.30 -28.32
C VAL A 316 13.48 3.53 -29.23
N ASP A 317 14.62 3.76 -29.88
CA ASP A 317 14.84 4.95 -30.69
C ASP A 317 13.97 5.00 -31.93
N ASN A 318 13.30 3.91 -32.30
CA ASN A 318 12.35 3.94 -33.41
C ASN A 318 11.12 4.77 -33.02
N GLY A 319 10.22 4.94 -33.98
CA GLY A 319 9.13 5.90 -33.83
C GLY A 319 8.02 5.47 -32.90
N ARG A 320 8.03 4.24 -32.41
CA ARG A 320 6.95 3.77 -31.56
C ARG A 320 6.95 4.48 -30.21
N PHE A 321 8.12 4.64 -29.60
CA PHE A 321 8.24 5.21 -28.27
C PHE A 321 8.55 6.70 -28.35
N LYS A 322 7.83 7.50 -27.58
CA LYS A 322 8.05 8.94 -27.54
C LYS A 322 8.96 9.29 -26.38
N LYS A 323 9.97 10.12 -26.67
CA LYS A 323 10.98 10.52 -25.69
C LYS A 323 10.63 11.85 -25.07
N ASN A 324 11.16 12.07 -23.86
CA ASN A 324 11.06 13.34 -23.14
C ASN A 324 9.60 13.74 -22.90
N ILE A 325 8.90 12.90 -22.14
CA ILE A 325 7.47 13.07 -21.91
C ILE A 325 7.17 12.91 -20.42
N ALA A 326 6.03 13.47 -20.03
CA ALA A 326 5.41 13.30 -18.70
C ALA A 326 6.39 13.81 -17.63
N SER A 327 6.51 13.12 -16.50
CA SER A 327 7.42 13.47 -15.44
C SER A 327 7.68 12.24 -14.60
N ASP A 328 8.71 12.31 -13.76
CA ASP A 328 9.04 11.20 -12.88
C ASP A 328 8.31 11.29 -11.55
N VAL A 329 7.32 12.17 -11.43
CA VAL A 329 6.61 12.39 -10.18
C VAL A 329 5.11 12.29 -10.45
N ILE A 330 4.44 11.48 -9.64
CA ILE A 330 2.98 11.36 -9.67
C ILE A 330 2.49 11.76 -8.29
N PHE A 331 2.18 13.04 -8.12
CA PHE A 331 1.58 13.51 -6.87
C PHE A 331 0.09 13.25 -6.96
N SER A 332 -0.36 12.13 -6.38
CA SER A 332 -1.74 11.72 -6.60
C SER A 332 -2.29 11.02 -5.38
N GLU A 333 -3.61 10.93 -5.31
CA GLU A 333 -4.29 10.49 -4.10
C GLU A 333 -4.08 9.00 -3.85
N ARG A 334 -3.99 8.65 -2.56
CA ARG A 334 -3.90 7.26 -2.13
C ARG A 334 -5.33 6.74 -1.98
N ARG A 335 -5.72 5.82 -2.86
CA ARG A 335 -7.11 5.39 -2.98
C ARG A 335 -7.22 3.88 -2.88
N GLY A 336 -6.59 3.30 -1.87
CA GLY A 336 -6.71 1.88 -1.60
C GLY A 336 -5.38 1.27 -1.23
N GLN A 337 -5.45 0.10 -0.61
CA GLN A 337 -4.24 -0.61 -0.20
C GLN A 337 -3.51 -1.12 -1.43
N SER A 338 -2.25 -0.71 -1.57
CA SER A 338 -1.40 -1.02 -2.72
C SER A 338 -2.02 -0.58 -4.04
N GLN A 339 -2.90 0.42 -3.98
CA GLN A 339 -3.59 0.90 -5.18
C GLN A 339 -2.71 1.92 -5.88
N LYS A 340 -2.21 1.55 -7.04
CA LYS A 340 -1.33 2.41 -7.80
C LYS A 340 -2.11 3.55 -8.45
N PRO A 341 -1.47 4.68 -8.70
CA PRO A 341 -2.19 5.81 -9.31
C PRO A 341 -2.66 5.49 -10.71
N GLU A 342 -3.74 6.16 -11.11
CA GLU A 342 -4.20 6.02 -12.49
C GLU A 342 -3.25 6.72 -13.44
N GLU A 343 -2.61 7.80 -12.99
CA GLU A 343 -1.83 8.67 -13.87
C GLU A 343 -0.67 7.93 -14.52
N ILE A 344 -0.12 6.92 -13.84
CA ILE A 344 0.99 6.17 -14.42
C ILE A 344 0.56 5.55 -15.75
N TYR A 345 -0.68 5.08 -15.83
CA TYR A 345 -1.19 4.53 -17.09
C TYR A 345 -1.12 5.58 -18.19
N GLN A 346 -1.58 6.81 -17.90
CA GLN A 346 -1.50 7.85 -18.91
C GLN A 346 -0.04 8.16 -19.25
N TYR A 347 0.86 8.06 -18.26
CA TYR A 347 2.28 8.23 -18.56
C TYR A 347 2.75 7.16 -19.53
N ILE A 348 2.29 5.92 -19.34
CA ILE A 348 2.58 4.88 -20.31
C ILE A 348 1.97 5.23 -21.66
N ASN A 349 0.76 5.80 -21.64
CA ASN A 349 0.15 6.25 -22.88
C ASN A 349 0.93 7.40 -23.50
N GLN A 350 1.66 8.16 -22.68
CA GLN A 350 2.53 9.20 -23.22
C GLN A 350 3.87 8.65 -23.67
N LEU A 351 4.22 7.43 -23.26
CA LEU A 351 5.51 6.86 -23.62
C LEU A 351 5.41 5.99 -24.87
N CYS A 352 4.42 5.10 -24.92
CA CYS A 352 4.19 4.23 -26.06
C CYS A 352 2.74 4.35 -26.46
N PRO A 353 2.38 5.36 -27.26
CA PRO A 353 0.99 5.51 -27.71
C PRO A 353 0.58 4.36 -28.63
N ASN A 354 -0.61 3.81 -28.39
CA ASN A 354 -1.18 2.73 -29.18
C ASN A 354 -0.25 1.51 -29.21
N GLY A 355 0.01 0.97 -28.02
CA GLY A 355 0.89 -0.16 -27.88
C GLY A 355 0.26 -1.25 -27.03
N ASN A 356 0.90 -2.41 -27.03
CA ASN A 356 0.45 -3.56 -26.27
C ASN A 356 1.19 -3.60 -24.93
N TYR A 357 0.43 -3.64 -23.84
CA TYR A 357 0.99 -3.62 -22.50
C TYR A 357 0.49 -4.82 -21.71
N LEU A 358 1.29 -5.24 -20.73
CA LEU A 358 0.91 -6.35 -19.87
C LEU A 358 1.12 -5.94 -18.42
N GLU A 359 0.12 -6.21 -17.59
CA GLU A 359 0.22 -6.05 -16.14
C GLU A 359 0.33 -7.43 -15.52
N ILE A 360 1.42 -7.69 -14.80
CA ILE A 360 1.71 -9.04 -14.33
C ILE A 360 0.96 -9.34 -13.04
N PHE A 361 0.94 -8.39 -12.11
CA PHE A 361 0.17 -8.51 -10.88
C PHE A 361 -0.88 -7.41 -10.87
N ALA A 362 -2.13 -7.77 -11.13
CA ALA A 362 -3.19 -6.80 -11.34
C ALA A 362 -4.44 -7.21 -10.59
N ARG A 363 -5.12 -6.23 -10.01
CA ARG A 363 -6.40 -6.42 -9.38
C ARG A 363 -7.51 -5.89 -10.29
N ARG A 364 -8.74 -5.86 -9.79
CA ARG A 364 -9.87 -5.47 -10.62
C ARG A 364 -9.89 -3.98 -10.92
N ASN A 365 -9.01 -3.19 -10.32
CA ASN A 365 -8.90 -1.78 -10.65
C ASN A 365 -7.83 -1.50 -11.70
N ASN A 366 -7.05 -2.51 -12.07
CA ASN A 366 -5.93 -2.34 -12.99
C ASN A 366 -6.28 -2.63 -14.45
N LEU A 367 -7.50 -3.05 -14.74
CA LEU A 367 -7.89 -3.30 -16.13
C LEU A 367 -8.08 -1.99 -16.86
N HIS A 368 -7.40 -1.84 -17.99
CA HIS A 368 -7.54 -0.70 -18.88
C HIS A 368 -7.67 -1.21 -20.30
N ASP A 369 -7.94 -0.29 -21.22
CA ASP A 369 -7.88 -0.62 -22.64
C ASP A 369 -6.46 -1.00 -23.03
N ASN A 370 -6.35 -1.98 -23.92
CA ASN A 370 -5.09 -2.43 -24.52
C ASN A 370 -4.13 -2.99 -23.49
N TRP A 371 -4.63 -3.41 -22.34
CA TRP A 371 -3.80 -3.92 -21.25
C TRP A 371 -4.17 -5.37 -20.98
N VAL A 372 -3.18 -6.25 -21.10
CA VAL A 372 -3.33 -7.62 -20.60
C VAL A 372 -2.97 -7.62 -19.12
N SER A 373 -3.85 -8.18 -18.30
CA SER A 373 -3.64 -8.16 -16.86
C SER A 373 -3.73 -9.56 -16.30
N ILE A 374 -2.80 -9.88 -15.40
CA ILE A 374 -2.73 -11.19 -14.75
C ILE A 374 -2.81 -10.97 -13.24
N GLY A 375 -3.46 -11.91 -12.56
CA GLY A 375 -3.55 -11.86 -11.11
C GLY A 375 -4.28 -13.09 -10.63
N ASN A 376 -4.35 -13.22 -9.30
CA ASN A 376 -5.11 -14.31 -8.71
C ASN A 376 -6.52 -13.90 -8.29
N GLU A 377 -6.78 -12.60 -8.18
CA GLU A 377 -8.13 -12.13 -7.88
C GLU A 377 -8.65 -11.23 -8.99
N LEU A 378 -8.48 -11.65 -10.23
CA LEU A 378 -8.99 -10.91 -11.37
C LEU A 378 -10.33 -11.50 -11.82
N ASP B 103 -5.81 25.50 -1.79
CA ASP B 103 -6.27 24.34 -2.55
C ASP B 103 -5.14 23.33 -2.73
N ASN B 104 -3.97 23.81 -3.14
CA ASN B 104 -2.83 22.95 -3.37
C ASN B 104 -2.06 22.61 -2.10
N GLN B 105 -2.40 23.24 -0.98
CA GLN B 105 -1.72 23.06 0.30
C GLN B 105 -0.23 23.34 0.19
N LEU B 106 0.15 24.32 -0.63
CA LEU B 106 1.55 24.68 -0.76
C LEU B 106 2.08 25.39 0.48
N SER B 107 1.19 25.93 1.32
CA SER B 107 1.61 26.53 2.58
C SER B 107 2.07 25.49 3.60
N LEU B 108 1.84 24.21 3.35
CA LEU B 108 2.28 23.15 4.24
C LEU B 108 3.44 22.34 3.70
N LEU B 109 3.45 22.03 2.40
CA LEU B 109 4.60 21.33 1.83
C LEU B 109 5.83 22.22 1.77
N LEU B 110 5.63 23.53 1.67
CA LEU B 110 6.71 24.50 1.68
C LEU B 110 6.87 25.19 3.03
N LYS B 111 6.21 24.68 4.06
CA LYS B 111 6.23 25.33 5.37
C LYS B 111 7.61 25.29 6.01
N TRP B 112 8.38 24.24 5.74
CA TRP B 112 9.68 24.08 6.37
C TRP B 112 10.64 25.20 5.98
N ARG B 113 10.45 25.80 4.81
CA ARG B 113 11.28 26.93 4.40
C ARG B 113 11.09 28.13 5.29
N ASN B 114 9.98 28.21 6.02
CA ASN B 114 9.77 29.27 7.00
C ASN B 114 10.26 28.90 8.40
N ASP B 115 10.74 27.68 8.58
CA ASP B 115 11.15 27.20 9.91
C ASP B 115 12.62 26.84 10.00
N LYS B 116 13.16 26.14 9.02
CA LYS B 116 14.54 25.65 9.07
C LYS B 116 15.49 26.81 8.80
N ILE B 117 16.00 27.41 9.87
CA ILE B 117 16.98 28.49 9.73
C ILE B 117 18.34 27.89 9.36
N PRO B 118 19.08 28.48 8.42
CA PRO B 118 20.45 28.00 8.17
C PRO B 118 21.34 28.23 9.37
N LEU B 119 22.31 27.34 9.55
CA LEU B 119 23.17 27.35 10.73
C LEU B 119 24.52 27.97 10.37
N LYS B 120 24.93 28.96 11.16
CA LYS B 120 26.19 29.65 10.93
C LYS B 120 27.36 28.72 11.22
N SER B 121 28.40 28.82 10.38
CA SER B 121 29.58 27.98 10.53
C SER B 121 30.30 28.27 11.84
N ALA B 122 30.89 27.22 12.41
CA ALA B 122 31.59 27.32 13.69
C ALA B 122 33.07 27.65 13.53
N SER B 123 33.54 27.87 12.29
CA SER B 123 34.91 28.24 11.96
C SER B 123 35.93 27.15 12.27
N GLU B 124 37.09 27.21 11.62
CA GLU B 124 38.14 26.23 11.83
C GLU B 124 38.88 26.42 13.14
N THR B 125 38.89 27.64 13.69
CA THR B 125 39.58 27.89 14.96
C THR B 125 38.94 27.12 16.10
N ASP B 126 37.61 27.07 16.14
CA ASP B 126 36.92 26.33 17.17
C ASP B 126 37.04 24.82 16.92
N ASN B 127 36.72 24.04 17.95
CA ASN B 127 36.81 22.59 17.88
C ASN B 127 35.47 21.93 17.58
N LYS B 128 34.45 22.71 17.24
CA LYS B 128 33.13 22.17 16.95
C LYS B 128 33.01 21.61 15.53
N CYS B 129 34.01 21.82 14.68
CA CYS B 129 33.98 21.30 13.33
C CYS B 129 35.42 21.13 12.83
N LYS B 130 35.62 20.18 11.93
CA LYS B 130 36.93 19.90 11.38
C LYS B 130 36.88 20.05 9.87
N VAL B 131 37.91 20.70 9.31
CA VAL B 131 38.00 20.99 7.88
C VAL B 131 39.17 20.22 7.32
N VAL B 132 38.93 19.46 6.25
CA VAL B 132 39.94 18.63 5.62
C VAL B 132 40.02 19.03 4.15
N ASN B 133 41.23 19.33 3.69
CA ASN B 133 41.47 19.79 2.32
C ASN B 133 42.30 18.74 1.60
N VAL B 134 41.73 18.11 0.58
CA VAL B 134 42.41 17.12 -0.24
C VAL B 134 42.29 17.52 -1.71
N LYS B 135 43.19 16.97 -2.52
CA LYS B 135 43.16 17.23 -3.96
C LYS B 135 41.91 16.63 -4.59
N ASN B 136 41.64 15.35 -4.32
CA ASN B 136 40.39 14.73 -4.72
C ASN B 136 40.00 13.71 -3.65
N ILE B 137 38.70 13.53 -3.47
CA ILE B 137 38.19 12.80 -2.32
C ILE B 137 38.12 11.30 -2.58
N PHE B 138 37.75 10.90 -3.79
CA PHE B 138 37.52 9.49 -4.07
C PHE B 138 38.79 8.66 -4.05
N LYS B 139 39.96 9.28 -4.10
CA LYS B 139 41.23 8.56 -4.02
C LYS B 139 42.07 9.02 -2.83
N SER B 140 41.42 9.48 -1.77
CA SER B 140 42.09 9.90 -0.56
C SER B 140 41.77 8.93 0.56
N ASP B 141 42.78 8.56 1.35
CA ASP B 141 42.57 7.68 2.49
C ASP B 141 41.88 8.48 3.60
N LEU B 142 40.59 8.24 3.80
CA LEU B 142 39.79 9.05 4.70
C LEU B 142 39.85 8.59 6.15
N SER B 143 40.58 7.50 6.41
CA SER B 143 40.65 6.98 7.78
C SER B 143 41.41 7.93 8.71
N LYS B 144 42.31 8.75 8.17
CA LYS B 144 43.03 9.71 9.01
C LYS B 144 42.22 10.97 9.27
N TYR B 145 41.13 11.20 8.54
CA TYR B 145 40.29 12.38 8.75
C TYR B 145 39.14 12.12 9.71
N GLY B 146 38.98 10.89 10.18
CA GLY B 146 37.91 10.56 11.10
C GLY B 146 37.85 9.08 11.40
N ALA B 147 37.13 8.69 12.46
CA ALA B 147 37.01 7.29 12.82
C ALA B 147 35.72 7.10 13.60
N ASN B 148 35.25 5.84 13.62
CA ASN B 148 34.01 5.46 14.29
C ASN B 148 32.84 6.32 13.82
N LEU B 149 32.77 6.52 12.50
CA LEU B 149 31.77 7.39 11.91
C LEU B 149 30.38 6.81 12.06
N GLN B 150 29.39 7.69 12.06
CA GLN B 150 27.99 7.30 12.12
C GLN B 150 27.16 7.80 10.95
N ALA B 151 27.47 8.99 10.42
CA ALA B 151 26.70 9.58 9.33
C ALA B 151 27.68 10.13 8.30
N LEU B 152 27.71 9.52 7.12
CA LEU B 152 28.51 9.98 6.01
C LEU B 152 27.60 10.54 4.94
N PHE B 153 27.86 11.77 4.50
CA PHE B 153 27.03 12.46 3.51
C PHE B 153 27.91 12.87 2.35
N ILE B 154 27.88 12.09 1.27
CA ILE B 154 28.66 12.39 0.08
C ILE B 154 27.84 13.38 -0.75
N ASN B 155 28.17 14.67 -0.65
CA ASN B 155 27.49 15.73 -1.38
C ASN B 155 28.05 15.84 -2.79
N ALA B 156 27.92 14.75 -3.54
CA ALA B 156 28.54 14.64 -4.85
C ALA B 156 27.60 15.13 -5.93
N LEU B 157 28.11 15.98 -6.81
CA LEU B 157 27.40 16.41 -8.01
C LEU B 157 27.93 15.60 -9.19
N TRP B 158 27.04 14.86 -9.84
CA TRP B 158 27.45 13.90 -10.86
C TRP B 158 27.46 14.52 -12.24
N LYS B 159 28.49 14.19 -13.03
CA LYS B 159 28.59 14.64 -14.42
C LYS B 159 27.80 13.68 -15.30
N VAL B 160 26.50 13.73 -15.14
CA VAL B 160 25.59 12.90 -15.92
C VAL B 160 25.29 13.60 -17.25
N LYS B 161 24.83 12.81 -18.21
CA LYS B 161 24.51 13.37 -19.53
C LYS B 161 23.29 14.26 -19.49
N SER B 162 22.45 14.15 -18.46
CA SER B 162 21.26 14.98 -18.37
C SER B 162 21.63 16.43 -18.05
N ARG B 163 22.59 16.63 -17.16
CA ARG B 163 23.11 17.97 -16.90
C ARG B 163 23.93 18.45 -18.09
N LYS B 164 23.69 19.68 -18.52
CA LYS B 164 24.29 20.22 -19.75
C LYS B 164 25.71 20.72 -19.47
N GLU B 165 26.61 19.75 -19.29
CA GLU B 165 28.05 20.00 -19.08
C GLU B 165 28.28 20.92 -17.88
N LYS B 166 27.89 20.44 -16.70
CA LYS B 166 27.97 21.21 -15.48
C LYS B 166 29.22 20.89 -14.67
N GLU B 167 30.15 20.12 -15.22
CA GLU B 167 31.43 19.77 -14.59
C GLU B 167 31.23 19.09 -13.24
N GLY B 168 30.62 17.91 -13.30
CA GLY B 168 30.30 17.12 -12.13
C GLY B 168 31.35 16.06 -11.85
N LEU B 169 30.90 14.95 -11.28
CA LEU B 169 31.77 13.85 -10.87
C LEU B 169 31.41 12.59 -11.65
N ASN B 170 32.43 11.89 -12.13
CA ASN B 170 32.19 10.61 -12.79
C ASN B 170 31.80 9.56 -11.78
N ILE B 171 30.78 8.76 -12.13
CA ILE B 171 30.33 7.70 -11.24
C ILE B 171 31.33 6.55 -11.21
N ASN B 172 32.20 6.45 -12.21
CA ASN B 172 33.19 5.38 -12.23
C ASN B 172 34.31 5.59 -11.22
N ASP B 173 34.53 6.83 -10.77
CA ASP B 173 35.57 7.10 -9.79
C ASP B 173 35.14 6.77 -8.37
N LEU B 174 33.86 6.49 -8.14
CA LEU B 174 33.41 6.18 -6.78
C LEU B 174 33.90 4.81 -6.34
N SER B 175 34.10 3.88 -7.27
CA SER B 175 34.64 2.57 -6.90
C SER B 175 36.05 2.68 -6.35
N ASN B 176 36.77 3.76 -6.67
CA ASN B 176 38.08 4.01 -6.10
C ASN B 176 38.00 4.48 -4.65
N LEU B 177 36.82 4.81 -4.15
CA LEU B 177 36.68 5.23 -2.76
C LEU B 177 37.00 4.09 -1.82
N LYS B 178 37.53 4.43 -0.66
CA LYS B 178 37.88 3.46 0.38
C LYS B 178 37.16 3.88 1.65
N ILE B 179 36.06 3.19 1.96
CA ILE B 179 35.35 3.37 3.22
C ILE B 179 35.56 2.13 4.06
N PRO B 180 36.63 2.06 4.84
CA PRO B 180 36.94 0.84 5.59
C PRO B 180 36.08 0.71 6.84
N LEU B 181 36.20 -0.45 7.49
CA LEU B 181 35.50 -0.66 8.75
C LEU B 181 36.01 0.25 9.85
N SER B 182 37.28 0.69 9.76
CA SER B 182 37.83 1.61 10.74
C SER B 182 37.12 2.96 10.70
N LEU B 183 36.81 3.45 9.50
CA LEU B 183 36.12 4.74 9.38
C LEU B 183 34.70 4.64 9.92
N MET B 184 33.87 3.82 9.29
CA MET B 184 32.50 3.58 9.75
C MET B 184 32.31 2.08 9.96
N LYS B 185 31.97 1.72 11.20
CA LYS B 185 31.71 0.33 11.57
C LYS B 185 30.23 0.00 11.56
N ASN B 186 29.40 0.87 12.13
CA ASN B 186 27.95 0.74 12.08
C ASN B 186 27.38 2.13 11.90
N GLY B 187 26.84 2.41 10.71
CA GLY B 187 26.40 3.77 10.42
C GLY B 187 25.64 3.82 9.12
N ILE B 188 25.28 5.05 8.74
CA ILE B 188 24.47 5.32 7.56
C ILE B 188 25.23 6.26 6.64
N LEU B 189 25.30 5.92 5.37
CA LEU B 189 25.88 6.74 4.33
C LEU B 189 24.74 7.37 3.53
N PHE B 190 24.85 8.66 3.28
CA PHE B 190 23.88 9.42 2.49
C PHE B 190 24.57 9.89 1.22
N ILE B 191 23.92 9.69 0.07
CA ILE B 191 24.53 10.07 -1.20
C ILE B 191 23.46 10.64 -2.12
N TRP B 192 23.90 11.48 -3.07
CA TRP B 192 23.03 12.03 -4.09
C TRP B 192 23.07 11.11 -5.31
N SER B 193 21.90 10.78 -5.84
CA SER B 193 21.80 9.88 -6.98
C SER B 193 21.02 10.53 -8.11
N GLU B 194 21.37 10.18 -9.33
CA GLU B 194 20.63 10.59 -10.52
C GLU B 194 19.95 9.38 -11.15
N LYS B 195 19.27 9.62 -12.27
CA LYS B 195 18.48 8.58 -12.90
C LYS B 195 19.35 7.46 -13.47
N GLU B 196 20.33 7.82 -14.30
CA GLU B 196 21.08 6.82 -15.05
C GLU B 196 22.23 6.22 -14.26
N ILE B 197 22.47 6.67 -13.04
CA ILE B 197 23.55 6.13 -12.23
C ILE B 197 23.03 5.61 -10.89
N LEU B 198 21.71 5.50 -10.76
CA LEU B 198 21.13 5.03 -9.51
C LEU B 198 21.51 3.57 -9.23
N GLY B 199 21.31 2.71 -10.23
CA GLY B 199 21.74 1.33 -10.09
C GLY B 199 23.24 1.21 -9.92
N GLN B 200 24.00 2.10 -10.56
CA GLN B 200 25.44 2.11 -10.38
C GLN B 200 25.82 2.43 -8.94
N ILE B 201 25.17 3.43 -8.34
CA ILE B 201 25.44 3.76 -6.93
C ILE B 201 25.07 2.60 -6.03
N VAL B 202 23.91 1.99 -6.25
CA VAL B 202 23.47 0.89 -5.38
C VAL B 202 24.42 -0.29 -5.49
N GLU B 203 24.84 -0.64 -6.71
CA GLU B 203 25.77 -1.74 -6.91
C GLU B 203 27.13 -1.44 -6.28
N ILE B 204 27.64 -0.22 -6.44
CA ILE B 204 28.94 0.11 -5.89
C ILE B 204 28.90 0.09 -4.36
N MET B 205 27.83 0.62 -3.77
CA MET B 205 27.65 0.54 -2.32
C MET B 205 27.58 -0.90 -1.83
N GLU B 206 26.86 -1.75 -2.57
CA GLU B 206 26.79 -3.15 -2.17
C GLU B 206 28.16 -3.82 -2.25
N GLN B 207 28.97 -3.41 -3.23
CA GLN B 207 30.34 -3.90 -3.29
C GLN B 207 31.19 -3.37 -2.15
N LYS B 208 30.93 -2.15 -1.69
CA LYS B 208 31.71 -1.56 -0.61
C LYS B 208 31.52 -2.33 0.70
N GLY B 209 30.29 -2.74 0.97
CA GLY B 209 29.96 -3.38 2.23
C GLY B 209 28.67 -2.82 2.80
N PHE B 210 28.08 -1.90 2.07
CA PHE B 210 26.86 -1.23 2.50
C PHE B 210 25.62 -1.95 1.96
N THR B 211 24.48 -1.63 2.56
CA THR B 211 23.20 -2.20 2.18
C THR B 211 22.17 -1.08 2.12
N TYR B 212 21.43 -1.02 1.01
CA TYR B 212 20.40 0.00 0.84
C TYR B 212 19.35 -0.10 1.93
N ILE B 213 18.93 1.05 2.44
CA ILE B 213 17.92 1.09 3.49
C ILE B 213 16.74 1.96 3.10
N GLU B 214 17.01 3.14 2.54
CA GLU B 214 15.97 4.13 2.30
C GLU B 214 16.44 5.09 1.22
N ASN B 215 15.50 5.87 0.70
CA ASN B 215 15.81 7.03 -0.13
C ASN B 215 14.94 8.21 0.26
N PHE B 216 15.45 9.41 0.00
CA PHE B 216 14.80 10.65 0.40
C PHE B 216 14.71 11.55 -0.82
N SER B 217 13.49 11.89 -1.24
CA SER B 217 13.29 12.61 -2.48
C SER B 217 12.92 14.07 -2.23
N ILE B 218 13.52 14.93 -3.04
CA ILE B 218 13.20 16.35 -3.08
C ILE B 218 12.42 16.58 -4.38
N MET B 219 11.17 16.98 -4.25
CA MET B 219 10.31 17.21 -5.39
C MET B 219 10.48 18.67 -5.77
N PHE B 220 10.60 18.95 -7.05
CA PHE B 220 11.01 20.26 -7.52
C PHE B 220 9.83 21.03 -8.08
N LEU B 221 9.62 22.23 -7.57
CA LEU B 221 8.66 23.17 -8.12
C LEU B 221 9.42 24.26 -8.85
N GLY B 222 8.98 24.56 -10.07
CA GLY B 222 9.68 25.54 -10.89
C GLY B 222 9.55 26.95 -10.31
N LEU B 223 10.69 27.61 -10.15
CA LEU B 223 10.67 29.01 -9.74
C LEU B 223 10.02 29.90 -10.78
N ASN B 224 10.35 29.67 -12.06
CA ASN B 224 9.79 30.48 -13.13
C ASN B 224 8.28 30.28 -13.24
N LYS B 225 7.82 29.03 -13.14
CA LYS B 225 6.38 28.77 -13.22
C LYS B 225 5.63 29.40 -12.04
N CYS B 226 6.20 29.30 -10.84
CA CYS B 226 5.58 29.90 -9.67
C CYS B 226 5.52 31.42 -9.79
N LEU B 227 6.61 32.03 -10.26
CA LEU B 227 6.61 33.49 -10.46
C LEU B 227 5.62 33.90 -11.54
N GLN B 228 5.51 33.11 -12.60
CA GLN B 228 4.56 33.41 -13.67
C GLN B 228 3.14 33.33 -13.14
N SER B 229 2.84 32.34 -12.31
CA SER B 229 1.50 32.24 -11.74
C SER B 229 1.24 33.35 -10.73
N ILE B 230 2.28 33.84 -10.05
CA ILE B 230 2.12 34.96 -9.12
C ILE B 230 1.79 36.24 -9.88
N ASN B 231 2.56 36.53 -10.93
CA ASN B 231 2.34 37.77 -11.68
C ASN B 231 1.04 37.71 -12.48
N HIS B 232 0.75 36.58 -13.12
CA HIS B 232 -0.47 36.44 -13.88
C HIS B 232 -1.60 35.90 -13.01
N GLU B 323 21.23 34.18 -17.40
CA GLU B 323 21.57 33.37 -16.24
C GLU B 323 21.29 34.14 -14.96
N LYS B 324 20.68 33.46 -13.98
CA LYS B 324 20.29 34.08 -12.73
C LYS B 324 21.36 33.86 -11.67
N SER B 325 21.79 34.94 -11.02
CA SER B 325 22.72 34.83 -9.92
C SER B 325 22.01 34.26 -8.69
N ILE B 326 22.82 33.68 -7.79
CA ILE B 326 22.26 32.93 -6.68
C ILE B 326 21.52 33.84 -5.69
N GLU B 327 21.94 35.11 -5.57
CA GLU B 327 21.22 36.03 -4.70
C GLU B 327 19.86 36.39 -5.29
N GLN B 328 19.79 36.51 -6.62
CA GLN B 328 18.50 36.73 -7.26
C GLN B 328 17.58 35.54 -7.09
N VAL B 329 18.13 34.32 -7.17
CA VAL B 329 17.32 33.12 -6.95
C VAL B 329 16.82 33.07 -5.51
N THR B 330 17.67 33.45 -4.55
CA THR B 330 17.23 33.48 -3.15
C THR B 330 16.15 34.53 -2.94
N GLN B 331 16.30 35.70 -3.56
CA GLN B 331 15.29 36.75 -3.43
C GLN B 331 13.96 36.32 -4.04
N GLU B 332 14.00 35.66 -5.20
CA GLU B 332 12.76 35.16 -5.80
C GLU B 332 12.15 34.05 -4.98
N LYS B 333 12.98 33.21 -4.34
CA LYS B 333 12.47 32.20 -3.43
C LYS B 333 11.74 32.82 -2.25
N LYS B 334 12.33 33.88 -1.68
CA LYS B 334 11.67 34.60 -0.60
C LYS B 334 10.37 35.24 -1.06
N PHE B 335 10.36 35.79 -2.28
CA PHE B 335 9.16 36.41 -2.83
C PHE B 335 8.04 35.39 -3.03
N VAL B 336 8.38 34.23 -3.59
CA VAL B 336 7.35 33.23 -3.84
C VAL B 336 6.89 32.58 -2.55
N MET B 337 7.76 32.49 -1.55
CA MET B 337 7.33 31.98 -0.25
C MET B 337 6.44 32.98 0.47
N ASN B 338 6.69 34.27 0.30
CA ASN B 338 5.85 35.27 0.94
C ASN B 338 4.47 35.33 0.31
N ASN B 339 4.42 35.37 -1.02
CA ASN B 339 3.15 35.43 -1.75
C ASN B 339 2.77 34.03 -2.23
N LEU B 340 2.51 33.16 -1.26
CA LEU B 340 2.10 31.78 -1.54
C LEU B 340 0.60 31.58 -1.50
N ASP B 341 -0.12 32.40 -0.73
CA ASP B 341 -1.57 32.26 -0.66
C ASP B 341 -2.22 32.52 -2.01
N ILE B 342 -1.73 33.53 -2.73
CA ILE B 342 -2.19 33.78 -4.10
C ILE B 342 -1.84 32.60 -5.00
N LEU B 343 -0.77 31.88 -4.66
CA LEU B 343 -0.38 30.67 -5.38
C LEU B 343 -1.21 29.45 -4.97
N LYS B 344 -2.08 29.59 -3.96
CA LYS B 344 -2.86 28.44 -3.51
C LYS B 344 -3.91 28.00 -4.53
N SER B 345 -4.28 28.88 -5.47
CA SER B 345 -5.31 28.58 -6.45
C SER B 345 -4.78 27.85 -7.68
N THR B 346 -3.48 27.60 -7.77
CA THR B 346 -2.88 26.93 -8.91
C THR B 346 -2.57 25.49 -8.55
N ASP B 347 -2.85 24.58 -9.48
CA ASP B 347 -2.60 23.16 -9.25
C ASP B 347 -1.10 22.90 -9.13
N ILE B 348 -0.76 21.88 -8.33
CA ILE B 348 0.63 21.52 -8.12
C ILE B 348 1.26 21.02 -9.41
N ASN B 349 0.51 20.23 -10.19
CA ASN B 349 1.05 19.64 -11.41
C ASN B 349 1.43 20.68 -12.45
N ASN B 350 0.82 21.86 -12.41
CA ASN B 350 1.20 22.96 -13.28
C ASN B 350 2.33 23.79 -12.71
N LEU B 351 2.78 23.50 -11.49
CA LEU B 351 3.91 24.17 -10.87
C LEU B 351 5.14 23.29 -10.77
N PHE B 352 5.02 22.01 -11.07
CA PHE B 352 6.17 21.10 -11.03
C PHE B 352 7.18 21.49 -12.09
N LEU B 353 8.46 21.36 -11.77
CA LEU B 353 9.53 21.70 -12.70
C LEU B 353 9.88 20.45 -13.50
N ARG B 354 9.54 20.48 -14.79
CA ARG B 354 9.75 19.35 -15.68
C ARG B 354 10.97 19.66 -16.55
N ASN B 355 12.11 19.07 -16.21
CA ASN B 355 13.36 19.33 -16.89
C ASN B 355 13.65 18.24 -17.91
N ASN B 356 14.59 18.55 -18.81
CA ASN B 356 14.86 17.66 -19.94
C ASN B 356 15.49 16.36 -19.48
N TYR B 357 15.01 15.25 -20.05
CA TYR B 357 15.51 13.90 -19.79
C TYR B 357 14.99 13.02 -20.91
N PRO B 358 15.78 12.05 -21.39
CA PRO B 358 15.33 11.25 -22.54
C PRO B 358 14.03 10.49 -22.33
N TYR B 359 13.79 9.94 -21.15
CA TYR B 359 12.64 9.05 -20.96
C TYR B 359 11.48 9.72 -20.23
N PHE B 360 11.71 10.22 -19.02
CA PHE B 360 10.68 10.94 -18.28
C PHE B 360 11.29 12.21 -17.72
N LYS B 361 10.58 13.33 -17.87
CA LYS B 361 11.12 14.63 -17.51
C LYS B 361 11.44 14.69 -16.03
N LYS B 362 12.61 15.22 -15.71
CA LYS B 362 13.07 15.25 -14.32
C LYS B 362 12.26 16.25 -13.51
N THR B 363 11.80 15.81 -12.34
CA THR B 363 11.09 16.67 -11.42
C THR B 363 11.54 16.48 -9.98
N ARG B 364 12.52 15.62 -9.72
CA ARG B 364 12.96 15.37 -8.35
C ARG B 364 14.46 15.09 -8.31
N HIS B 365 15.01 15.21 -7.11
CA HIS B 365 16.35 14.76 -6.78
C HIS B 365 16.25 13.70 -5.69
N THR B 366 17.22 12.79 -5.65
CA THR B 366 17.16 11.64 -4.76
C THR B 366 18.42 11.55 -3.92
N LEU B 367 18.24 11.34 -2.62
CA LEU B 367 19.33 11.08 -1.68
C LEU B 367 19.16 9.65 -1.18
N LEU B 368 19.96 8.75 -1.74
CA LEU B 368 19.96 7.36 -1.28
C LEU B 368 20.64 7.26 0.07
N MET B 369 20.25 6.24 0.84
CA MET B 369 20.89 5.92 2.10
C MET B 369 21.28 4.46 2.10
N PHE B 370 22.41 4.17 2.74
CA PHE B 370 22.93 2.82 2.86
C PHE B 370 23.40 2.64 4.30
N ARG B 371 23.41 1.39 4.76
CA ARG B 371 23.78 1.12 6.15
C ARG B 371 24.88 0.07 6.22
N ARG B 372 25.83 0.30 7.11
CA ARG B 372 26.88 -0.65 7.42
C ARG B 372 26.70 -1.17 8.84
N ILE B 373 26.67 -2.49 8.98
CA ILE B 373 26.40 -3.14 10.26
C ILE B 373 27.70 -3.42 11.00
N GLY B 374 28.60 -4.17 10.37
CA GLY B 374 29.87 -4.48 10.97
C GLY B 374 29.78 -5.55 12.05
N ASP B 375 29.16 -5.21 13.17
CA ASP B 375 28.92 -6.16 14.26
C ASP B 375 27.55 -5.90 14.83
N LYS B 376 26.70 -6.92 14.84
CA LYS B 376 25.34 -6.78 15.34
C LYS B 376 25.27 -6.59 16.85
N ASN B 377 26.35 -6.89 17.57
CA ASN B 377 26.36 -6.69 19.02
C ASN B 377 26.21 -5.22 19.37
N GLN B 378 26.89 -4.34 18.63
CA GLN B 378 26.79 -2.91 18.85
C GLN B 378 25.67 -2.35 17.97
N LYS B 379 24.71 -1.68 18.58
CA LYS B 379 23.53 -1.18 17.90
C LYS B 379 23.62 0.34 17.76
N LEU B 380 23.36 0.83 16.56
CA LEU B 380 23.38 2.27 16.29
C LEU B 380 22.03 2.88 16.66
N GLU B 381 22.08 3.92 17.48
CA GLU B 381 20.85 4.53 17.98
C GLU B 381 20.22 5.43 16.93
N LEU B 382 18.89 5.35 16.82
CA LEU B 382 18.16 6.09 15.81
C LEU B 382 16.86 6.64 16.38
N ARG B 383 16.42 7.76 15.81
CA ARG B 383 15.06 8.25 15.99
C ARG B 383 14.32 7.97 14.68
N HIS B 384 13.53 6.91 14.67
CA HIS B 384 12.87 6.45 13.45
C HIS B 384 11.65 7.28 13.13
N GLN B 385 11.31 7.31 11.84
CA GLN B 385 10.09 7.91 11.29
C GLN B 385 9.93 9.39 11.62
N ARG B 386 11.00 10.08 12.03
CA ARG B 386 10.83 11.43 12.55
C ARG B 386 10.60 12.47 11.47
N THR B 387 10.91 12.16 10.21
CA THR B 387 10.57 13.06 9.11
C THR B 387 10.31 12.24 7.86
N SER B 388 9.56 12.84 6.94
CA SER B 388 9.09 12.13 5.76
C SER B 388 10.22 11.91 4.76
N ASP B 389 10.03 10.90 3.91
CA ASP B 389 10.98 10.59 2.85
C ASP B 389 10.80 11.45 1.62
N VAL B 390 9.77 12.30 1.59
CA VAL B 390 9.48 13.16 0.47
C VAL B 390 9.31 14.59 0.99
N VAL B 391 10.00 15.53 0.36
CA VAL B 391 9.89 16.94 0.69
C VAL B 391 9.68 17.71 -0.60
N PHE B 392 9.12 18.91 -0.49
CA PHE B 392 8.83 19.75 -1.64
C PHE B 392 9.68 21.01 -1.56
N GLU B 393 10.22 21.46 -2.69
CA GLU B 393 11.13 22.59 -2.68
C GLU B 393 11.07 23.31 -4.02
N VAL B 394 11.08 24.64 -3.95
CA VAL B 394 11.18 25.47 -5.15
C VAL B 394 12.63 25.51 -5.59
N THR B 395 12.87 25.28 -6.87
CA THR B 395 14.24 25.29 -7.40
C THR B 395 14.27 26.00 -8.75
N ASP B 396 15.47 26.35 -9.17
CA ASP B 396 15.69 26.92 -10.49
C ASP B 396 15.93 25.81 -11.50
N GLU B 397 15.62 26.10 -12.76
CA GLU B 397 15.69 25.11 -13.81
C GLU B 397 17.08 24.93 -14.40
N GLN B 398 18.04 25.79 -14.03
CA GLN B 398 19.37 25.70 -14.61
C GLN B 398 20.10 24.46 -14.11
N ASP B 399 20.09 24.22 -12.81
CA ASP B 399 20.78 23.07 -12.23
C ASP B 399 20.13 22.69 -10.91
N PRO B 400 19.03 21.94 -10.93
CA PRO B 400 18.35 21.59 -9.67
C PRO B 400 19.11 20.55 -8.84
N SER B 401 20.11 19.89 -9.42
CA SER B 401 20.87 18.90 -8.67
C SER B 401 21.65 19.55 -7.53
N LYS B 402 22.21 20.73 -7.77
CA LYS B 402 22.96 21.46 -6.74
C LYS B 402 21.96 22.11 -5.80
N VAL B 403 21.70 21.44 -4.66
CA VAL B 403 20.78 21.99 -3.67
C VAL B 403 21.46 23.16 -2.96
N ASP B 404 20.74 24.26 -2.83
CA ASP B 404 21.31 25.47 -2.28
C ASP B 404 21.25 25.45 -0.75
N THR B 405 21.66 26.57 -0.15
CA THR B 405 21.47 26.76 1.28
C THR B 405 19.98 26.85 1.59
N MET B 406 19.64 26.55 2.86
CA MET B 406 18.29 26.50 3.40
C MET B 406 17.55 25.26 2.88
N MET B 407 18.17 24.54 1.96
CA MET B 407 17.72 23.20 1.59
C MET B 407 18.69 22.12 2.02
N LYS B 408 20.00 22.36 1.88
CA LYS B 408 20.97 21.47 2.50
C LYS B 408 20.76 21.42 4.01
N GLU B 409 20.19 22.49 4.58
CA GLU B 409 19.83 22.48 6.00
C GLU B 409 18.76 21.44 6.32
N TYR B 410 17.79 21.25 5.42
CA TYR B 410 16.78 20.22 5.65
C TYR B 410 17.39 18.83 5.66
N VAL B 411 18.29 18.55 4.71
CA VAL B 411 18.98 17.26 4.68
C VAL B 411 19.84 17.09 5.92
N TYR B 412 20.52 18.15 6.33
CA TYR B 412 21.32 18.11 7.55
C TYR B 412 20.48 17.78 8.76
N GLN B 413 19.35 18.47 8.92
CA GLN B 413 18.49 18.25 10.07
C GLN B 413 17.88 16.85 10.05
N MET B 414 17.57 16.33 8.87
CA MET B 414 17.12 14.94 8.78
C MET B 414 18.22 13.98 9.23
N ILE B 415 19.47 14.27 8.86
CA ILE B 415 20.58 13.41 9.25
C ILE B 415 20.76 13.42 10.77
N GLU B 416 20.80 14.62 11.37
CA GLU B 416 21.01 14.72 12.82
C GLU B 416 19.82 14.18 13.60
N THR B 417 18.61 14.33 13.07
CA THR B 417 17.45 13.78 13.76
C THR B 417 17.42 12.26 13.66
N LEU B 418 17.85 11.71 12.53
CA LEU B 418 17.89 10.25 12.39
C LEU B 418 18.93 9.63 13.32
N LEU B 419 20.06 10.31 13.53
CA LEU B 419 21.15 9.80 14.35
C LEU B 419 21.41 10.76 15.49
N PRO B 420 20.82 10.52 16.66
CA PRO B 420 20.97 11.47 17.77
C PRO B 420 22.33 11.41 18.44
N LYS B 421 22.87 10.20 18.59
CA LYS B 421 24.17 10.02 19.21
C LYS B 421 25.33 10.39 18.30
N ALA B 422 25.06 10.62 17.02
CA ALA B 422 26.10 11.06 16.09
C ALA B 422 26.45 12.52 16.24
N GLN B 423 25.64 13.30 16.96
CA GLN B 423 25.93 14.70 17.19
C GLN B 423 27.13 14.85 18.12
N PHE B 424 27.92 15.90 17.87
CA PHE B 424 29.10 16.19 18.67
C PHE B 424 28.69 17.09 19.82
N ILE B 425 28.63 16.52 21.02
CA ILE B 425 28.40 17.28 22.25
C ILE B 425 29.75 17.71 22.78
N PRO B 426 30.03 19.02 22.89
CA PRO B 426 31.35 19.45 23.35
C PRO B 426 31.59 19.08 24.80
N GLY B 427 32.75 18.48 25.07
CA GLY B 427 33.20 18.16 26.40
C GLY B 427 33.01 16.71 26.82
N VAL B 428 32.15 15.96 26.13
CA VAL B 428 31.89 14.57 26.50
C VAL B 428 32.11 13.59 25.35
N ASP B 429 32.47 14.07 24.16
CA ASP B 429 32.89 13.19 23.06
C ASP B 429 34.26 13.64 22.56
N LYS B 430 35.10 12.67 22.24
CA LYS B 430 36.48 12.94 21.84
C LYS B 430 36.63 13.26 20.36
N HIS B 431 35.93 12.52 19.50
CA HIS B 431 36.08 12.67 18.06
C HIS B 431 34.72 12.91 17.42
N LEU B 432 34.73 13.63 16.30
CA LEU B 432 33.50 13.91 15.57
C LEU B 432 32.99 12.65 14.90
N LYS B 433 31.66 12.45 14.94
CA LYS B 433 31.05 11.24 14.44
C LYS B 433 30.17 11.48 13.21
N MET B 434 30.37 12.61 12.53
CA MET B 434 29.59 12.97 11.36
C MET B 434 30.52 13.64 10.36
N MET B 435 30.44 13.23 9.09
CA MET B 435 31.43 13.59 8.09
C MET B 435 30.78 13.78 6.74
N GLU B 436 31.08 14.89 6.08
CA GLU B 436 30.54 15.20 4.77
C GLU B 436 31.66 15.24 3.74
N LEU B 437 31.44 14.59 2.60
CA LEU B 437 32.32 14.72 1.45
C LEU B 437 31.77 15.78 0.51
N PHE B 438 32.69 16.52 -0.12
CA PHE B 438 32.38 17.56 -1.10
C PHE B 438 31.50 18.65 -0.48
N ALA B 439 32.05 19.30 0.55
CA ALA B 439 31.35 20.35 1.28
C ALA B 439 31.73 21.73 0.75
N SER B 440 30.90 22.71 1.08
CA SER B 440 31.15 24.08 0.67
C SER B 440 32.31 24.68 1.44
N THR B 441 33.07 25.55 0.78
CA THR B 441 34.22 26.18 1.40
C THR B 441 33.84 27.28 2.38
N ASP B 442 32.60 27.76 2.35
CA ASP B 442 32.15 28.81 3.24
C ASP B 442 31.22 28.34 4.34
N ASN B 443 30.49 27.25 4.13
CA ASN B 443 29.52 26.75 5.09
C ASN B 443 30.08 25.44 5.69
N TYR B 444 30.76 25.58 6.81
CA TYR B 444 31.26 24.42 7.56
C TYR B 444 30.28 24.11 8.67
N ARG B 445 29.66 22.94 8.60
CA ARG B 445 28.59 22.61 9.53
C ARG B 445 29.16 22.42 10.94
N PRO B 446 28.54 23.01 11.96
CA PRO B 446 29.08 22.88 13.32
C PRO B 446 28.81 21.51 13.93
N GLY B 447 29.71 20.56 13.68
CA GLY B 447 29.52 19.22 14.20
C GLY B 447 29.87 18.16 13.19
N TRP B 448 30.43 18.56 12.05
CA TRP B 448 30.68 17.65 10.96
C TRP B 448 32.16 17.70 10.58
N ILE B 449 32.63 16.61 9.99
CA ILE B 449 33.97 16.57 9.38
C ILE B 449 33.79 16.90 7.91
N SER B 450 34.14 18.13 7.54
CA SER B 450 33.99 18.60 6.17
C SER B 450 35.25 18.31 5.37
N VAL B 451 35.07 17.69 4.20
CA VAL B 451 36.17 17.40 3.28
C VAL B 451 35.94 18.21 2.02
N ILE B 452 36.92 19.03 1.65
CA ILE B 452 36.80 19.97 0.55
C ILE B 452 37.70 19.48 -0.58
N GLU B 453 37.16 19.45 -1.80
CA GLU B 453 37.98 19.17 -2.98
C GLU B 453 38.65 20.46 -3.43
N LYS B 454 39.97 20.50 -3.36
CA LYS B 454 40.72 21.68 -3.78
C LYS B 454 42.15 21.31 -4.16
N PHE C 12 -19.50 2.66 -0.94
CA PHE C 12 -18.49 1.63 -1.10
C PHE C 12 -18.77 0.79 -2.34
N GLN C 13 -17.69 0.35 -3.00
CA GLN C 13 -17.79 -0.46 -4.21
C GLN C 13 -17.42 -1.90 -3.86
N HIS C 14 -18.40 -2.80 -3.91
CA HIS C 14 -18.16 -4.20 -3.61
C HIS C 14 -17.56 -4.96 -4.77
N ASN C 15 -17.44 -4.34 -5.95
CA ASN C 15 -16.92 -5.04 -7.12
C ASN C 15 -15.41 -5.22 -7.04
N GLN C 16 -14.72 -4.35 -6.30
CA GLN C 16 -13.26 -4.37 -6.27
C GLN C 16 -12.75 -5.60 -5.50
N SER C 17 -11.44 -5.81 -5.58
CA SER C 17 -10.82 -6.97 -4.96
C SER C 17 -10.78 -6.81 -3.45
N LYS C 18 -10.65 -7.96 -2.77
CA LYS C 18 -10.65 -7.96 -1.31
C LYS C 18 -9.35 -7.43 -0.71
N SER C 19 -8.27 -7.42 -1.49
CA SER C 19 -6.97 -7.01 -0.95
C SER C 19 -6.98 -5.55 -0.55
N LEU C 20 -7.58 -4.69 -1.35
CA LEU C 20 -7.67 -3.29 -1.00
C LEU C 20 -8.86 -3.06 -0.07
N TRP C 21 -8.81 -1.93 0.64
CA TRP C 21 -9.83 -1.53 1.62
C TRP C 21 -9.97 -2.57 2.74
N ASN C 22 -8.89 -2.72 3.49
CA ASN C 22 -8.92 -3.55 4.69
C ASN C 22 -9.66 -2.82 5.80
N TYR C 23 -10.59 -3.51 6.44
CA TYR C 23 -11.40 -2.92 7.50
C TYR C 23 -11.34 -3.82 8.73
N THR C 24 -12.00 -3.38 9.80
CA THR C 24 -11.99 -4.07 11.08
C THR C 24 -13.32 -4.75 11.41
N LEU C 25 -14.26 -4.79 10.47
CA LEU C 25 -15.62 -5.28 10.70
C LEU C 25 -16.27 -4.51 11.84
N SER C 26 -15.90 -4.82 13.08
CA SER C 26 -16.36 -4.03 14.22
C SER C 26 -15.59 -2.71 14.25
N PRO C 27 -16.26 -1.57 14.14
CA PRO C 27 -15.55 -0.30 14.00
C PRO C 27 -14.82 0.15 15.25
N GLY C 28 -15.50 0.20 16.40
CA GLY C 28 -14.97 0.85 17.57
C GLY C 28 -15.05 -0.03 18.80
N TRP C 29 -14.47 0.48 19.88
CA TRP C 29 -14.39 -0.23 21.16
C TRP C 29 -15.52 0.21 22.07
N ARG C 30 -16.21 -0.75 22.65
CA ARG C 30 -17.32 -0.49 23.55
C ARG C 30 -16.88 -0.70 24.99
N GLU C 31 -17.79 -0.42 25.92
CA GLU C 31 -17.50 -0.62 27.34
C GLU C 31 -17.37 -2.10 27.67
N GLU C 32 -18.31 -2.91 27.18
CA GLU C 32 -18.24 -4.34 27.42
C GLU C 32 -17.02 -4.95 26.75
N GLU C 33 -16.70 -4.49 25.53
CA GLU C 33 -15.55 -5.04 24.83
C GLU C 33 -14.25 -4.69 25.54
N VAL C 34 -14.14 -3.47 26.06
CA VAL C 34 -12.91 -3.10 26.78
C VAL C 34 -12.84 -3.81 28.13
N LYS C 35 -13.98 -4.10 28.76
CA LYS C 35 -13.94 -4.89 29.99
C LYS C 35 -13.49 -6.32 29.71
N ILE C 36 -13.96 -6.90 28.61
CA ILE C 36 -13.51 -8.24 28.22
C ILE C 36 -12.02 -8.23 27.87
N LEU C 37 -11.54 -7.16 27.24
CA LEU C 37 -10.10 -7.05 26.97
C LEU C 37 -9.31 -6.94 28.26
N LYS C 38 -9.81 -6.17 29.24
CA LYS C 38 -9.14 -6.08 30.54
C LYS C 38 -9.08 -7.43 31.22
N SER C 39 -10.16 -8.20 31.15
CA SER C 39 -10.17 -9.54 31.72
C SER C 39 -9.22 -10.48 30.99
N ALA C 40 -9.16 -10.36 29.66
CA ALA C 40 -8.40 -11.29 28.84
C ALA C 40 -6.90 -11.02 28.90
N LEU C 41 -6.49 -9.76 29.05
CA LEU C 41 -5.08 -9.46 29.20
C LEU C 41 -4.51 -9.99 30.51
N GLN C 42 -5.36 -10.24 31.50
CA GLN C 42 -4.92 -10.72 32.80
C GLN C 42 -4.90 -12.25 32.89
N LEU C 43 -5.33 -12.95 31.84
CA LEU C 43 -5.32 -14.41 31.87
C LEU C 43 -4.39 -15.00 30.82
N PHE C 44 -4.41 -14.48 29.60
CA PHE C 44 -3.44 -14.89 28.59
C PHE C 44 -2.14 -14.13 28.68
N GLY C 45 -2.16 -12.91 29.20
CA GLY C 45 -0.97 -12.10 29.27
C GLY C 45 -0.94 -11.04 28.17
N ILE C 46 -0.23 -9.95 28.44
CA ILE C 46 -0.11 -8.87 27.48
C ILE C 46 0.82 -9.31 26.35
N GLY C 47 0.38 -9.12 25.11
CA GLY C 47 1.17 -9.42 23.95
C GLY C 47 0.80 -10.72 23.26
N LYS C 48 0.11 -11.62 23.94
CA LYS C 48 -0.27 -12.90 23.35
C LYS C 48 -1.58 -12.76 22.56
N TRP C 49 -1.53 -11.88 21.56
CA TRP C 49 -2.74 -11.57 20.78
C TRP C 49 -3.23 -12.78 20.00
N LYS C 50 -2.31 -13.63 19.52
CA LYS C 50 -2.73 -14.85 18.85
C LYS C 50 -3.52 -15.75 19.80
N LYS C 51 -3.06 -15.88 21.04
CA LYS C 51 -3.78 -16.67 22.02
C LYS C 51 -5.00 -15.94 22.57
N ILE C 52 -5.05 -14.61 22.46
CA ILE C 52 -6.25 -13.86 22.80
C ILE C 52 -7.35 -14.16 21.79
N MET C 53 -7.02 -14.08 20.50
CA MET C 53 -8.03 -14.29 19.46
C MET C 53 -8.39 -15.75 19.27
N GLU C 54 -7.42 -16.66 19.47
CA GLU C 54 -7.65 -18.08 19.17
C GLU C 54 -8.71 -18.68 20.09
N SER C 55 -8.63 -18.40 21.38
CA SER C 55 -9.69 -18.86 22.29
C SER C 55 -11.01 -18.18 21.96
N GLY C 56 -10.99 -16.88 21.74
CA GLY C 56 -12.14 -16.17 21.21
C GLY C 56 -12.94 -15.43 22.26
N CYS C 57 -12.66 -14.16 22.43
CA CYS C 57 -13.51 -13.31 23.26
C CYS C 57 -13.70 -11.92 22.67
N LEU C 58 -13.18 -11.64 21.48
CA LEU C 58 -13.24 -10.33 20.85
C LEU C 58 -13.90 -10.52 19.49
N PRO C 59 -15.23 -10.51 19.44
CA PRO C 59 -15.92 -10.80 18.18
C PRO C 59 -15.82 -9.67 17.17
N GLY C 60 -14.70 -9.59 16.47
CA GLY C 60 -14.57 -8.62 15.39
C GLY C 60 -13.29 -7.80 15.45
N LYS C 61 -12.73 -7.66 16.64
CA LYS C 61 -11.55 -6.81 16.80
C LYS C 61 -10.33 -7.48 16.20
N SER C 62 -9.57 -6.72 15.41
CA SER C 62 -8.35 -7.21 14.81
C SER C 62 -7.22 -7.18 15.84
N ILE C 63 -6.04 -7.66 15.43
CA ILE C 63 -4.88 -7.63 16.31
C ILE C 63 -4.43 -6.19 16.55
N GLY C 64 -4.52 -5.35 15.51
CA GLY C 64 -4.11 -3.96 15.67
C GLY C 64 -4.99 -3.20 16.64
N GLN C 65 -6.31 -3.46 16.61
CA GLN C 65 -7.22 -2.81 17.54
C GLN C 65 -6.91 -3.20 18.97
N ILE C 66 -6.68 -4.49 19.22
CA ILE C 66 -6.36 -4.95 20.57
C ILE C 66 -5.02 -4.38 21.02
N TYR C 67 -4.05 -4.27 20.10
CA TYR C 67 -2.76 -3.68 20.42
C TYR C 67 -2.90 -2.23 20.85
N MET C 68 -3.64 -1.44 20.06
CA MET C 68 -3.80 -0.02 20.40
C MET C 68 -4.64 0.14 21.66
N GLN C 69 -5.61 -0.74 21.88
CA GLN C 69 -6.39 -0.66 23.11
C GLN C 69 -5.57 -1.01 24.34
N THR C 70 -4.65 -1.97 24.21
CA THR C 70 -3.73 -2.26 25.31
C THR C 70 -2.83 -1.06 25.59
N GLN C 71 -2.36 -0.41 24.53
CA GLN C 71 -1.55 0.81 24.71
C GLN C 71 -2.34 1.88 25.44
N ARG C 72 -3.62 2.05 25.09
CA ARG C 72 -4.47 3.01 25.77
C ARG C 72 -4.73 2.60 27.21
N LEU C 73 -4.82 1.29 27.47
CA LEU C 73 -5.09 0.81 28.83
C LEU C 73 -3.92 1.09 29.75
N LEU C 74 -2.70 0.76 29.32
CA LEU C 74 -1.55 1.02 30.17
C LEU C 74 -1.06 2.46 30.10
N GLY C 75 -1.52 3.24 29.14
CA GLY C 75 -1.08 4.61 29.01
C GLY C 75 0.28 4.81 28.37
N GLN C 76 0.83 3.77 27.75
CA GLN C 76 2.11 3.89 27.05
C GLN C 76 2.14 2.89 25.91
N GLN C 77 2.99 3.16 24.93
CA GLN C 77 3.17 2.27 23.80
C GLN C 77 4.39 1.39 23.94
N SER C 78 5.05 1.40 25.10
CA SER C 78 6.15 0.49 25.37
C SER C 78 5.59 -0.82 25.94
N LEU C 79 4.85 -1.52 25.08
CA LEU C 79 4.24 -2.78 25.48
C LEU C 79 5.26 -3.89 25.71
N GLY C 80 6.46 -3.75 25.15
CA GLY C 80 7.46 -4.80 25.24
C GLY C 80 7.96 -5.07 26.65
N ASP C 81 7.74 -4.13 27.57
CA ASP C 81 8.07 -4.36 28.97
C ASP C 81 7.14 -5.35 29.63
N PHE C 82 6.01 -5.70 29.00
CA PHE C 82 5.04 -6.63 29.54
C PHE C 82 4.80 -7.80 28.60
N MET C 83 5.86 -8.26 27.94
CA MET C 83 5.75 -9.32 26.94
C MET C 83 5.56 -10.66 27.62
N GLY C 84 4.45 -11.33 27.32
CA GLY C 84 4.15 -12.63 27.90
C GLY C 84 4.01 -12.58 29.41
N LEU C 85 3.26 -11.60 29.90
CA LEU C 85 3.24 -11.30 31.33
C LEU C 85 1.89 -10.73 31.73
N GLN C 86 1.32 -11.28 32.80
CA GLN C 86 0.00 -10.91 33.28
C GLN C 86 0.14 -9.96 34.48
N ILE C 87 -0.44 -8.77 34.36
CA ILE C 87 -0.35 -7.73 35.39
C ILE C 87 -1.72 -7.08 35.56
N ASP C 88 -1.77 -6.08 36.44
CA ASP C 88 -2.98 -5.31 36.70
C ASP C 88 -2.92 -4.04 35.89
N LEU C 89 -3.94 -3.81 35.07
CA LEU C 89 -3.91 -2.69 34.14
C LEU C 89 -4.08 -1.35 34.84
N GLU C 90 -4.83 -1.32 35.95
CA GLU C 90 -5.16 -0.06 36.60
C GLU C 90 -3.93 0.61 37.20
N ALA C 91 -3.04 -0.16 37.82
CA ALA C 91 -1.86 0.41 38.46
C ALA C 91 -0.92 1.04 37.44
N VAL C 92 -0.72 0.39 36.29
CA VAL C 92 0.16 0.93 35.27
C VAL C 92 -0.42 2.22 34.70
N PHE C 93 -1.74 2.26 34.47
CA PHE C 93 -2.38 3.48 34.01
C PHE C 93 -2.25 4.59 35.03
N ASN C 94 -2.39 4.25 36.31
CA ASN C 94 -2.25 5.26 37.36
C ASN C 94 -0.83 5.82 37.41
N GLN C 95 0.17 4.95 37.29
CA GLN C 95 1.55 5.43 37.34
C GLN C 95 1.94 6.17 36.07
N ASN C 96 1.31 5.87 34.94
CA ASN C 96 1.59 6.62 33.72
C ASN C 96 0.89 7.97 33.73
N MET C 97 -0.27 8.06 34.35
CA MET C 97 -0.93 9.35 34.52
C MET C 97 -0.25 10.20 35.59
N LYS C 98 0.41 9.58 36.56
CA LYS C 98 1.01 10.33 37.66
C LYS C 98 2.23 11.11 37.24
N LYS C 99 3.12 10.53 36.43
CA LYS C 99 4.36 11.20 36.09
C LYS C 99 4.10 12.35 35.13
N GLN C 100 4.86 13.44 35.30
CA GLN C 100 4.60 14.69 34.61
C GLN C 100 5.67 15.08 33.61
N ASP C 101 6.89 14.58 33.74
CA ASP C 101 7.98 14.96 32.83
C ASP C 101 8.06 14.02 31.63
N VAL C 102 6.92 13.82 30.95
CA VAL C 102 6.84 12.99 29.76
C VAL C 102 5.99 13.72 28.72
N LEU C 103 6.13 13.30 27.47
CA LEU C 103 5.35 13.82 26.37
C LEU C 103 4.47 12.70 25.82
N ARG C 104 3.18 12.99 25.64
CA ARG C 104 2.20 12.01 25.22
C ARG C 104 1.34 12.56 24.10
N LYS C 105 0.92 11.66 23.20
CA LYS C 105 -0.18 11.93 22.28
C LYS C 105 -1.19 10.82 22.40
N ASN C 106 -2.48 11.20 22.41
CA ASN C 106 -3.59 10.29 22.65
C ASN C 106 -3.45 9.56 23.99
N ASN C 107 -2.98 10.31 25.00
CA ASN C 107 -2.85 9.82 26.38
C ASN C 107 -2.01 8.55 26.46
N CYS C 108 -0.97 8.48 25.64
CA CYS C 108 -0.05 7.35 25.63
C CYS C 108 1.38 7.87 25.77
N ILE C 109 2.10 7.35 26.76
CA ILE C 109 3.45 7.84 27.07
C ILE C 109 4.42 7.33 26.02
N ILE C 110 5.24 8.23 25.49
CA ILE C 110 6.17 7.93 24.41
C ILE C 110 7.59 7.93 24.98
N ASN C 111 8.37 6.93 24.60
CA ASN C 111 9.79 6.91 24.96
C ASN C 111 10.51 7.93 24.09
N THR C 112 10.68 9.13 24.62
CA THR C 112 11.38 10.19 23.91
C THR C 112 12.89 10.11 24.09
N GLY C 113 13.38 9.12 24.82
CA GLY C 113 14.80 8.94 25.07
C GLY C 113 15.42 7.92 24.15
N ASP C 114 16.31 7.11 24.71
CA ASP C 114 17.04 6.13 23.94
C ASP C 114 16.14 4.98 23.49
N ASN C 115 16.58 4.29 22.45
CA ASN C 115 15.86 3.13 21.95
C ASN C 115 15.96 1.98 22.95
N PRO C 116 14.97 1.08 22.97
CA PRO C 116 15.04 -0.06 23.89
C PRO C 116 16.15 -1.03 23.54
N THR C 117 16.63 -1.73 24.55
CA THR C 117 17.69 -2.72 24.41
C THR C 117 17.21 -4.08 24.90
N LYS C 118 17.96 -5.12 24.53
CA LYS C 118 17.55 -6.48 24.84
C LYS C 118 17.66 -6.78 26.33
N GLU C 119 18.72 -6.32 26.98
CA GLU C 119 18.89 -6.61 28.41
C GLU C 119 17.92 -5.79 29.25
N GLU C 120 17.69 -4.53 28.87
CA GLU C 120 16.69 -3.72 29.54
C GLU C 120 15.30 -4.33 29.42
N ARG C 121 15.02 -5.00 28.30
CA ARG C 121 13.75 -5.70 28.14
C ARG C 121 13.54 -6.75 29.23
N LYS C 122 14.53 -7.64 29.41
CA LYS C 122 14.41 -8.69 30.42
C LYS C 122 14.37 -8.10 31.82
N ARG C 123 15.20 -7.09 32.09
CA ARG C 123 15.21 -6.47 33.42
C ARG C 123 13.87 -5.83 33.75
N ARG C 124 13.29 -5.10 32.79
CA ARG C 124 12.01 -4.45 33.04
C ARG C 124 10.86 -5.45 33.07
N ILE C 125 10.97 -6.54 32.32
CA ILE C 125 9.95 -7.60 32.41
C ILE C 125 9.95 -8.21 33.80
N GLU C 126 11.13 -8.53 34.32
CA GLU C 126 11.22 -9.08 35.68
C GLU C 126 10.73 -8.06 36.71
N GLN C 127 11.09 -6.78 36.54
CA GLN C 127 10.67 -5.77 37.49
C GLN C 127 9.15 -5.58 37.49
N ASN C 128 8.54 -5.59 36.31
CA ASN C 128 7.09 -5.43 36.23
C ASN C 128 6.37 -6.67 36.75
N ARG C 129 6.94 -7.87 36.54
CA ARG C 129 6.37 -9.07 37.14
C ARG C 129 6.43 -8.99 38.66
N LYS C 130 7.53 -8.49 39.21
CA LYS C 130 7.63 -8.37 40.66
C LYS C 130 6.69 -7.30 41.22
N ILE C 131 6.56 -6.17 40.54
CA ILE C 131 5.82 -5.04 41.09
C ILE C 131 4.33 -5.18 40.83
N TYR C 132 3.94 -5.23 39.56
CA TYR C 132 2.53 -5.19 39.18
C TYR C 132 1.93 -6.57 38.94
N GLY C 133 2.70 -7.64 39.13
CA GLY C 133 2.20 -8.96 38.81
C GLY C 133 1.12 -9.42 39.77
N LEU C 134 0.25 -10.30 39.27
CA LEU C 134 -0.82 -10.87 40.06
C LEU C 134 -0.42 -12.26 40.54
N SER C 135 -1.05 -12.68 41.64
CA SER C 135 -0.81 -14.00 42.19
C SER C 135 -1.54 -15.06 41.36
N ALA C 136 -1.34 -16.32 41.73
CA ALA C 136 -2.01 -17.41 41.01
C ALA C 136 -3.50 -17.41 41.27
N LYS C 137 -3.92 -16.97 42.45
CA LYS C 137 -5.35 -16.93 42.77
C LYS C 137 -6.11 -15.97 41.87
N GLN C 138 -5.53 -14.79 41.61
CA GLN C 138 -6.18 -13.83 40.73
C GLN C 138 -6.18 -14.31 39.29
N ILE C 139 -5.14 -15.02 38.86
CA ILE C 139 -5.13 -15.59 37.52
C ILE C 139 -6.21 -16.65 37.37
N ALA C 140 -6.35 -17.51 38.37
CA ALA C 140 -7.37 -18.56 38.31
C ALA C 140 -8.78 -18.01 38.55
N GLU C 141 -8.89 -16.81 39.12
CA GLU C 141 -10.21 -16.26 39.44
C GLU C 141 -10.92 -15.74 38.21
N ILE C 142 -10.19 -15.17 37.25
CA ILE C 142 -10.81 -14.50 36.13
C ILE C 142 -11.43 -15.52 35.17
N LYS C 143 -12.64 -15.21 34.69
CA LYS C 143 -13.36 -16.08 33.77
C LYS C 143 -13.77 -15.27 32.55
N LEU C 144 -13.29 -15.68 31.38
CA LEU C 144 -13.68 -15.02 30.15
C LEU C 144 -15.08 -15.45 29.73
N PRO C 145 -15.84 -14.57 29.07
CA PRO C 145 -17.17 -14.96 28.58
C PRO C 145 -17.06 -16.01 27.49
N LYS C 146 -17.61 -17.19 27.75
CA LYS C 146 -17.53 -18.32 26.82
C LYS C 146 -18.62 -18.16 25.77
N VAL C 147 -18.24 -17.68 24.60
CA VAL C 147 -19.18 -17.50 23.49
C VAL C 147 -19.40 -18.82 22.78
N LYS C 148 -20.66 -19.11 22.45
CA LYS C 148 -20.99 -20.32 21.73
C LYS C 148 -20.38 -20.30 20.33
N LYS C 149 -19.89 -21.45 19.88
CA LYS C 149 -19.23 -21.56 18.59
C LYS C 149 -20.21 -21.82 17.45
N HIS C 150 -21.51 -21.90 17.74
CA HIS C 150 -22.51 -22.08 16.71
C HIS C 150 -23.38 -20.83 16.60
N ALA C 151 -22.76 -19.66 16.73
CA ALA C 151 -23.46 -18.39 16.74
C ALA C 151 -22.93 -17.50 15.64
N PRO C 152 -23.80 -17.10 14.71
CA PRO C 152 -23.44 -16.05 13.74
C PRO C 152 -23.52 -14.67 14.36
N GLN C 153 -23.41 -13.62 13.55
CA GLN C 153 -23.45 -12.26 14.07
C GLN C 153 -24.84 -11.94 14.59
N TYR C 154 -25.12 -12.41 15.81
CA TYR C 154 -26.44 -12.28 16.45
C TYR C 154 -26.82 -10.82 16.65
N MET C 155 -28.11 -10.52 16.45
CA MET C 155 -28.66 -9.17 16.50
C MET C 155 -27.84 -8.23 15.61
N THR C 156 -27.39 -7.12 16.18
CA THR C 156 -26.53 -6.13 15.53
C THR C 156 -27.08 -5.73 14.16
N LEU C 157 -28.31 -5.22 14.13
CA LEU C 157 -28.97 -4.86 12.88
C LEU C 157 -28.24 -3.72 12.18
N GLU C 158 -27.48 -2.93 12.94
CA GLU C 158 -26.64 -1.90 12.35
C GLU C 158 -25.26 -2.39 11.95
N ASP C 159 -24.91 -3.63 12.32
CA ASP C 159 -23.63 -4.21 11.94
C ASP C 159 -23.75 -5.33 10.93
N ILE C 160 -24.94 -5.91 10.76
CA ILE C 160 -25.19 -6.85 9.67
C ILE C 160 -25.69 -6.13 8.42
N GLU C 161 -26.24 -4.94 8.60
CA GLU C 161 -26.55 -4.05 7.48
C GLU C 161 -25.34 -3.13 7.21
N ASN C 162 -24.28 -3.76 6.72
CA ASN C 162 -23.01 -3.08 6.50
C ASN C 162 -22.85 -2.78 5.01
N GLU C 163 -22.32 -1.59 4.70
CA GLU C 163 -22.11 -1.20 3.31
C GLU C 163 -21.04 -2.04 2.66
N LYS C 164 -20.08 -2.55 3.44
CA LYS C 164 -19.01 -3.38 2.89
C LYS C 164 -19.53 -4.73 2.40
N PHE C 165 -20.65 -5.21 2.94
CA PHE C 165 -21.23 -6.47 2.52
C PHE C 165 -22.13 -6.27 1.32
N THR C 166 -22.22 -7.29 0.48
CA THR C 166 -23.15 -7.26 -0.64
C THR C 166 -24.55 -7.61 -0.18
N ASN C 167 -25.50 -7.51 -1.11
CA ASN C 167 -26.88 -7.90 -0.80
C ASN C 167 -26.96 -9.40 -0.50
N LEU C 168 -26.20 -10.21 -1.23
CA LEU C 168 -26.20 -11.64 -1.02
C LEU C 168 -25.66 -11.99 0.37
N GLU C 169 -24.53 -11.39 0.74
CA GLU C 169 -23.93 -11.68 2.04
C GLU C 169 -24.83 -11.20 3.17
N ILE C 170 -25.43 -10.02 3.02
CA ILE C 170 -26.33 -9.50 4.04
C ILE C 170 -27.54 -10.41 4.20
N LEU C 171 -28.09 -10.88 3.08
CA LEU C 171 -29.24 -11.77 3.16
C LEU C 171 -28.88 -13.13 3.75
N THR C 172 -27.67 -13.63 3.47
CA THR C 172 -27.24 -14.88 4.10
C THR C 172 -27.10 -14.71 5.60
N HIS C 173 -26.55 -13.58 6.04
CA HIS C 173 -26.45 -13.31 7.47
C HIS C 173 -27.83 -13.21 8.10
N LEU C 174 -28.76 -12.54 7.42
CA LEU C 174 -30.12 -12.39 7.93
C LEU C 174 -30.81 -13.73 8.04
N TYR C 175 -30.64 -14.59 7.02
CA TYR C 175 -31.26 -15.91 7.06
C TYR C 175 -30.66 -16.78 8.15
N ASN C 176 -29.33 -16.70 8.34
CA ASN C 176 -28.69 -17.44 9.42
C ASN C 176 -29.19 -17.00 10.77
N LEU C 177 -29.31 -15.68 10.99
CA LEU C 177 -29.82 -15.19 12.25
C LEU C 177 -31.27 -15.59 12.45
N LYS C 178 -32.09 -15.54 11.39
CA LYS C 178 -33.48 -15.95 11.49
C LYS C 178 -33.61 -17.42 11.86
N ALA C 179 -32.76 -18.27 11.26
CA ALA C 179 -32.71 -19.66 11.66
C ALA C 179 -32.27 -19.81 13.11
N GLU C 180 -31.42 -18.88 13.59
CA GLU C 180 -31.04 -18.93 15.00
C GLU C 180 -32.22 -18.66 15.91
N ILE C 181 -33.04 -17.64 15.60
CA ILE C 181 -34.21 -17.44 16.47
C ILE C 181 -35.20 -18.59 16.31
N VAL C 182 -35.28 -19.18 15.12
CA VAL C 182 -36.15 -20.34 14.92
C VAL C 182 -35.70 -21.50 15.82
N ARG C 183 -34.39 -21.75 15.86
CA ARG C 183 -33.86 -22.79 16.72
C ARG C 183 -34.08 -22.46 18.19
N ARG C 184 -33.93 -21.19 18.57
CA ARG C 184 -34.15 -20.79 19.95
C ARG C 184 -35.59 -20.99 20.37
N LEU C 185 -36.54 -20.68 19.49
CA LEU C 185 -37.95 -20.92 19.81
C LEU C 185 -38.28 -22.41 19.82
N ALA C 186 -37.64 -23.18 18.95
CA ALA C 186 -37.83 -24.63 18.98
C ALA C 186 -37.32 -25.22 20.29
N GLU C 187 -36.18 -24.74 20.78
CA GLU C 187 -35.68 -25.15 22.10
C GLU C 187 -36.63 -24.70 23.20
N GLN C 188 -37.11 -23.46 23.13
CA GLN C 188 -38.04 -22.96 24.13
C GLN C 188 -39.39 -23.67 24.05
N GLY C 189 -39.88 -23.88 22.84
CA GLY C 189 -41.16 -24.54 22.65
C GLY C 189 -41.04 -25.98 22.18
N GLN D 14 -0.24 -1.15 -41.09
CA GLN D 14 -1.58 -0.82 -40.64
C GLN D 14 -1.70 -0.97 -39.13
N PRO D 15 -2.35 -0.01 -38.47
CA PRO D 15 -2.55 -0.10 -37.03
C PRO D 15 -3.43 -1.28 -36.66
N LEU D 16 -3.15 -1.86 -35.50
CA LEU D 16 -3.87 -3.04 -35.04
C LEU D 16 -5.24 -2.65 -34.49
N ASP D 17 -6.27 -3.39 -34.90
CA ASP D 17 -7.61 -3.20 -34.36
C ASP D 17 -7.64 -3.71 -32.93
N PHE D 18 -7.78 -2.78 -31.97
CA PHE D 18 -7.63 -3.15 -30.57
C PHE D 18 -8.81 -3.95 -30.05
N THR D 19 -10.02 -3.69 -30.56
CA THR D 19 -11.19 -4.45 -30.13
C THR D 19 -11.08 -5.91 -30.57
N GLN D 20 -10.73 -6.15 -31.83
CA GLN D 20 -10.58 -7.52 -32.32
C GLN D 20 -9.42 -8.22 -31.63
N TYR D 21 -8.31 -7.50 -31.42
CA TYR D 21 -7.17 -8.09 -30.73
C TYR D 21 -7.53 -8.49 -29.31
N ALA D 22 -8.28 -7.63 -28.60
CA ALA D 22 -8.72 -7.96 -27.26
C ALA D 22 -9.67 -9.15 -27.25
N LYS D 23 -10.59 -9.21 -28.22
CA LYS D 23 -11.52 -10.33 -28.31
C LYS D 23 -10.77 -11.64 -28.53
N ASN D 24 -9.80 -11.62 -29.45
CA ASN D 24 -9.01 -12.82 -29.72
C ASN D 24 -8.20 -13.24 -28.51
N MET D 25 -7.57 -12.28 -27.82
CA MET D 25 -6.76 -12.59 -26.66
C MET D 25 -7.61 -13.21 -25.55
N ARG D 26 -8.78 -12.61 -25.27
CA ARG D 26 -9.63 -13.13 -24.21
C ARG D 26 -10.24 -14.48 -24.57
N LYS D 27 -10.54 -14.70 -25.85
CA LYS D 27 -11.03 -16.02 -26.24
C LYS D 27 -9.95 -17.08 -26.17
N ASP D 28 -8.71 -16.70 -26.48
CA ASP D 28 -7.63 -17.68 -26.55
C ASP D 28 -7.10 -18.05 -25.17
N LEU D 29 -6.99 -17.07 -24.27
CA LEU D 29 -6.21 -17.31 -23.05
C LEU D 29 -6.82 -16.74 -21.77
N SER D 30 -8.07 -16.33 -21.76
CA SER D 30 -8.73 -15.94 -20.54
C SER D 30 -9.67 -17.04 -20.05
N ASN D 31 -10.15 -16.88 -18.82
CA ASN D 31 -11.00 -17.88 -18.20
C ASN D 31 -12.39 -17.85 -18.82
N GLN D 32 -13.16 -18.91 -18.57
CA GLN D 32 -14.51 -19.00 -19.11
C GLN D 32 -15.44 -17.99 -18.46
N ASP D 33 -15.21 -17.65 -17.20
CA ASP D 33 -16.03 -16.65 -16.52
C ASP D 33 -15.67 -15.23 -16.95
N ILE D 34 -14.40 -14.97 -17.25
CA ILE D 34 -13.97 -13.62 -17.61
C ILE D 34 -14.51 -13.24 -18.99
N CYS D 35 -14.41 -14.13 -19.95
CA CYS D 35 -14.82 -13.90 -21.32
C CYS D 35 -16.11 -14.64 -21.61
N LEU D 36 -16.55 -14.56 -22.86
CA LEU D 36 -17.77 -15.22 -23.32
C LEU D 36 -17.45 -16.07 -24.55
N GLU D 37 -18.47 -16.74 -25.07
CA GLU D 37 -18.29 -17.56 -26.27
C GLU D 37 -17.97 -16.69 -27.48
N ASP D 38 -18.64 -15.54 -27.60
CA ASP D 38 -18.35 -14.63 -28.71
C ASP D 38 -17.02 -13.93 -28.51
N GLY D 39 -16.53 -13.86 -27.28
CA GLY D 39 -15.29 -13.17 -26.95
C GLY D 39 -15.48 -11.84 -26.28
N ALA D 40 -16.72 -11.37 -26.13
CA ALA D 40 -16.98 -10.12 -25.45
C ALA D 40 -16.71 -10.26 -23.95
N LEU D 41 -16.43 -9.13 -23.31
CA LEU D 41 -16.13 -9.13 -21.89
C LEU D 41 -17.39 -9.42 -21.08
N ASN D 42 -17.27 -10.32 -20.11
CA ASN D 42 -18.38 -10.70 -19.25
C ASN D 42 -18.44 -9.71 -18.09
N HIS D 43 -19.32 -8.71 -18.20
CA HIS D 43 -19.47 -7.74 -17.13
C HIS D 43 -20.10 -8.34 -15.88
N SER D 44 -20.80 -9.47 -16.02
CA SER D 44 -21.44 -10.09 -14.87
C SER D 44 -20.41 -10.58 -13.86
N TYR D 45 -19.29 -11.09 -14.34
CA TYR D 45 -18.22 -11.54 -13.43
C TYR D 45 -17.58 -10.38 -12.70
N PHE D 46 -17.57 -9.19 -13.32
CA PHE D 46 -16.90 -8.03 -12.75
C PHE D 46 -17.85 -7.12 -11.98
N LEU D 47 -19.15 -7.37 -12.02
CA LEU D 47 -20.09 -6.66 -11.16
C LEU D 47 -20.47 -7.47 -9.93
N THR D 48 -19.77 -8.57 -9.65
CA THR D 48 -19.96 -9.37 -8.46
C THR D 48 -18.62 -9.60 -7.79
N LYS D 49 -18.68 -9.94 -6.50
CA LYS D 49 -17.46 -10.19 -5.74
C LYS D 49 -16.74 -11.43 -6.27
N LYS D 50 -15.43 -11.47 -6.00
CA LYS D 50 -14.63 -12.61 -6.42
C LYS D 50 -15.05 -13.84 -5.64
N GLY D 51 -15.31 -14.93 -6.36
CA GLY D 51 -15.83 -16.15 -5.79
C GLY D 51 -17.34 -16.21 -5.71
N GLN D 52 -17.99 -15.07 -5.56
CA GLN D 52 -19.46 -15.01 -5.51
C GLN D 52 -20.03 -14.68 -6.88
N TYR D 53 -19.80 -15.58 -7.83
CA TYR D 53 -20.32 -15.43 -9.18
C TYR D 53 -21.22 -16.61 -9.53
N TRP D 54 -22.33 -16.31 -10.19
CA TRP D 54 -23.31 -17.31 -10.60
C TRP D 54 -23.08 -17.59 -12.08
N THR D 55 -22.30 -18.64 -12.36
CA THR D 55 -22.05 -19.03 -13.73
C THR D 55 -23.31 -19.61 -14.36
N PRO D 56 -23.42 -19.57 -15.69
CA PRO D 56 -24.54 -20.26 -16.35
C PRO D 56 -24.58 -21.75 -16.05
N LEU D 57 -23.42 -22.37 -15.82
CA LEU D 57 -23.39 -23.77 -15.39
C LEU D 57 -24.09 -23.93 -14.04
N ASN D 58 -23.87 -22.99 -13.12
CA ASN D 58 -24.53 -23.05 -11.83
C ASN D 58 -26.04 -22.93 -11.96
N GLN D 59 -26.50 -22.02 -12.83
CA GLN D 59 -27.94 -21.87 -13.04
C GLN D 59 -28.53 -23.11 -13.69
N LYS D 60 -27.81 -23.72 -14.64
CA LYS D 60 -28.29 -24.95 -15.25
C LYS D 60 -28.34 -26.08 -14.23
N ALA D 61 -27.36 -26.16 -13.34
CA ALA D 61 -27.39 -27.18 -12.29
C ALA D 61 -28.55 -26.96 -11.35
N LEU D 62 -28.82 -25.71 -10.98
CA LEU D 62 -29.96 -25.42 -10.11
C LEU D 62 -31.27 -25.76 -10.81
N GLN D 63 -31.38 -25.45 -12.10
CA GLN D 63 -32.60 -25.80 -12.84
C GLN D 63 -32.77 -27.30 -12.93
N ARG D 64 -31.67 -28.04 -13.06
CA ARG D 64 -31.75 -29.50 -13.03
C ARG D 64 -32.22 -29.99 -11.67
N GLY D 65 -31.70 -29.39 -10.60
CA GLY D 65 -32.05 -29.84 -9.26
C GLY D 65 -33.41 -29.39 -8.76
N ILE D 66 -34.01 -28.38 -9.42
CA ILE D 66 -35.34 -27.92 -9.01
C ILE D 66 -36.38 -29.03 -9.18
N GLU D 67 -36.33 -29.75 -10.29
CA GLU D 67 -37.26 -30.83 -10.53
C GLU D 67 -36.62 -32.21 -10.48
N LEU D 68 -35.29 -32.29 -10.42
CA LEU D 68 -34.65 -33.57 -10.11
C LEU D 68 -34.73 -33.88 -8.63
N PHE D 69 -34.63 -32.84 -7.78
CA PHE D 69 -34.76 -32.96 -6.34
C PHE D 69 -35.92 -32.08 -5.88
N GLY D 70 -36.10 -32.01 -4.56
CA GLY D 70 -37.21 -31.25 -4.01
C GLY D 70 -36.89 -29.76 -3.90
N VAL D 71 -37.87 -28.93 -4.24
CA VAL D 71 -37.74 -27.50 -4.07
C VAL D 71 -37.86 -27.16 -2.59
N GLY D 72 -36.84 -26.52 -2.04
CA GLY D 72 -36.82 -26.20 -0.63
C GLY D 72 -35.77 -26.98 0.13
N ASN D 73 -35.55 -28.23 -0.25
CA ASN D 73 -34.53 -29.07 0.38
C ASN D 73 -33.19 -28.78 -0.28
N TRP D 74 -32.63 -27.61 0.06
CA TRP D 74 -31.40 -27.18 -0.58
C TRP D 74 -30.17 -27.90 -0.05
N LYS D 75 -30.28 -28.63 1.06
CA LYS D 75 -29.15 -29.45 1.50
C LYS D 75 -28.84 -30.54 0.48
N GLU D 76 -29.87 -31.24 0.01
CA GLU D 76 -29.66 -32.30 -0.96
C GLU D 76 -29.22 -31.74 -2.31
N ILE D 77 -29.82 -30.64 -2.75
CA ILE D 77 -29.45 -30.03 -4.03
C ILE D 77 -28.01 -29.52 -3.97
N ASN D 78 -27.62 -28.94 -2.83
CA ASN D 78 -26.27 -28.41 -2.71
C ASN D 78 -25.24 -29.54 -2.61
N TYR D 79 -25.55 -30.61 -1.87
CA TYR D 79 -24.58 -31.68 -1.71
C TYR D 79 -24.44 -32.52 -2.97
N ASP D 80 -25.57 -32.82 -3.63
CA ASP D 80 -25.55 -33.76 -4.75
C ASP D 80 -25.40 -33.05 -6.09
N GLU D 81 -26.35 -32.18 -6.43
CA GLU D 81 -26.31 -31.51 -7.73
C GLU D 81 -25.15 -30.52 -7.81
N PHE D 82 -24.94 -29.75 -6.75
CA PHE D 82 -23.77 -28.89 -6.65
C PHE D 82 -22.63 -29.69 -6.01
N SER D 83 -21.54 -29.00 -5.66
CA SER D 83 -20.38 -29.65 -5.06
C SER D 83 -20.36 -29.51 -3.54
N GLY D 84 -21.44 -29.02 -2.94
CA GLY D 84 -21.47 -28.78 -1.51
C GLY D 84 -20.82 -27.50 -1.08
N LYS D 85 -20.51 -26.59 -2.01
CA LYS D 85 -19.85 -25.34 -1.68
C LYS D 85 -20.70 -24.12 -2.02
N ALA D 86 -22.02 -24.28 -2.13
CA ALA D 86 -22.90 -23.18 -2.48
C ALA D 86 -23.79 -22.81 -1.29
N ASN D 87 -24.07 -21.52 -1.15
CA ASN D 87 -24.92 -21.05 -0.07
C ASN D 87 -26.35 -21.50 -0.30
N ILE D 88 -27.01 -21.92 0.79
CA ILE D 88 -28.41 -22.29 0.74
C ILE D 88 -29.27 -21.07 0.40
N VAL D 89 -28.96 -19.92 1.00
CA VAL D 89 -29.70 -18.69 0.73
C VAL D 89 -29.48 -18.27 -0.72
N GLU D 90 -28.27 -18.47 -1.24
CA GLU D 90 -28.02 -18.23 -2.66
C GLU D 90 -28.94 -19.07 -3.54
N LEU D 91 -29.06 -20.36 -3.24
CA LEU D 91 -29.87 -21.25 -4.06
C LEU D 91 -31.35 -20.86 -4.00
N GLU D 92 -31.84 -20.54 -2.79
CA GLU D 92 -33.22 -20.12 -2.64
C GLU D 92 -33.50 -18.82 -3.37
N LEU D 93 -32.59 -17.86 -3.29
CA LEU D 93 -32.78 -16.59 -3.98
C LEU D 93 -32.75 -16.79 -5.49
N ARG D 94 -31.88 -17.68 -5.97
CA ARG D 94 -31.78 -17.90 -7.41
C ARG D 94 -33.03 -18.58 -7.95
N THR D 95 -33.58 -19.56 -7.22
CA THR D 95 -34.82 -20.16 -7.71
C THR D 95 -36.00 -19.22 -7.54
N CYS D 96 -35.92 -18.27 -6.61
CA CYS D 96 -36.89 -17.17 -6.61
C CYS D 96 -36.78 -16.36 -7.89
N MET D 97 -35.56 -16.13 -8.36
CA MET D 97 -35.37 -15.43 -9.63
C MET D 97 -35.97 -16.22 -10.79
N ILE D 98 -35.75 -17.54 -10.81
CA ILE D 98 -36.31 -18.36 -11.88
C ILE D 98 -37.84 -18.37 -11.83
N LEU D 99 -38.40 -18.57 -10.65
CA LEU D 99 -39.85 -18.68 -10.53
C LEU D 99 -40.57 -17.34 -10.67
N GLY D 100 -39.84 -16.22 -10.65
CA GLY D 100 -40.45 -14.93 -10.81
C GLY D 100 -41.20 -14.43 -9.61
N ILE D 101 -41.07 -15.09 -8.46
CA ILE D 101 -41.77 -14.71 -7.25
C ILE D 101 -40.74 -14.53 -6.13
N ASN D 102 -41.13 -13.77 -5.11
CA ASN D 102 -40.26 -13.51 -3.96
C ASN D 102 -40.54 -14.45 -2.79
N ASP D 103 -41.37 -15.47 -2.99
CA ASP D 103 -41.69 -16.42 -1.91
C ASP D 103 -41.90 -17.78 -2.56
N ILE D 104 -40.89 -18.65 -2.46
CA ILE D 104 -40.95 -19.98 -3.06
C ILE D 104 -41.57 -20.97 -2.09
N THR D 105 -42.12 -20.47 -0.98
CA THR D 105 -42.75 -21.34 0.00
C THR D 105 -43.99 -22.01 -0.57
N GLU D 106 -44.77 -21.28 -1.38
CA GLU D 106 -45.95 -21.86 -2.00
C GLU D 106 -45.61 -22.93 -3.03
N TYR D 107 -44.39 -22.92 -3.57
CA TYR D 107 -43.93 -23.88 -4.57
C TYR D 107 -43.03 -24.94 -3.97
N TYR D 108 -43.29 -25.36 -2.73
CA TYR D 108 -42.42 -26.30 -2.03
C TYR D 108 -42.58 -27.70 -2.62
N GLY D 109 -41.54 -28.19 -3.27
CA GLY D 109 -41.51 -29.56 -3.76
C GLY D 109 -42.48 -29.87 -4.88
N LYS D 110 -42.25 -29.31 -6.07
CA LYS D 110 -43.10 -29.62 -7.21
C LYS D 110 -42.76 -30.99 -7.79
N LYS D 111 -41.53 -31.14 -8.31
CA LYS D 111 -40.97 -32.42 -8.76
C LYS D 111 -41.86 -33.11 -9.80
N ILE D 112 -42.06 -32.43 -10.92
CA ILE D 112 -42.86 -33.02 -12.01
C ILE D 112 -42.12 -33.04 -13.34
N SER D 113 -41.55 -31.91 -13.76
CA SER D 113 -40.88 -31.80 -15.04
C SER D 113 -40.12 -30.48 -15.09
N GLU D 114 -39.04 -30.46 -15.88
CA GLU D 114 -38.21 -29.27 -16.01
C GLU D 114 -38.67 -28.34 -17.13
N GLU D 115 -39.58 -28.80 -17.98
CA GLU D 115 -39.90 -28.09 -19.22
C GLU D 115 -40.96 -27.02 -19.07
N GLU D 116 -41.42 -26.73 -17.84
CA GLU D 116 -42.42 -25.69 -17.64
C GLU D 116 -41.99 -24.65 -16.61
N GLN D 117 -40.71 -24.65 -16.21
CA GLN D 117 -40.23 -23.59 -15.32
C GLN D 117 -40.36 -22.22 -15.96
N GLU D 118 -40.05 -22.12 -17.26
CA GLU D 118 -40.31 -20.89 -17.98
C GLU D 118 -41.79 -20.58 -18.05
N GLU D 119 -42.65 -21.61 -18.06
CA GLU D 119 -44.09 -21.37 -18.10
C GLU D 119 -44.59 -20.71 -16.81
N ILE D 120 -44.18 -21.23 -15.66
CA ILE D 120 -44.59 -20.62 -14.40
C ILE D 120 -43.91 -19.27 -14.21
N LYS D 121 -42.69 -19.11 -14.72
CA LYS D 121 -42.05 -17.80 -14.70
C LYS D 121 -42.86 -16.78 -15.49
N LYS D 122 -43.32 -17.17 -16.68
CA LYS D 122 -44.14 -16.28 -17.49
C LYS D 122 -45.49 -16.01 -16.85
N SER D 123 -46.05 -17.02 -16.17
CA SER D 123 -47.31 -16.82 -15.47
C SER D 123 -47.15 -15.82 -14.33
N ASN D 124 -46.07 -15.93 -13.57
CA ASN D 124 -45.82 -14.96 -12.50
C ASN D 124 -45.55 -13.58 -13.05
N ILE D 125 -44.86 -13.49 -14.18
CA ILE D 125 -44.60 -12.19 -14.82
C ILE D 125 -45.91 -11.57 -15.28
N ALA D 126 -46.80 -12.36 -15.87
CA ALA D 126 -48.09 -11.85 -16.31
C ALA D 126 -48.94 -11.42 -15.12
N LYS D 127 -48.90 -12.18 -14.02
CA LYS D 127 -49.63 -11.80 -12.82
C LYS D 127 -49.10 -10.49 -12.25
N GLY D 128 -47.78 -10.32 -12.22
CA GLY D 128 -47.21 -9.07 -11.75
C GLY D 128 -47.54 -7.90 -12.64
N LYS D 129 -47.58 -8.13 -13.96
CA LYS D 129 -47.95 -7.08 -14.90
C LYS D 129 -49.40 -6.67 -14.72
N LYS D 130 -50.30 -7.65 -14.56
CA LYS D 130 -51.72 -7.34 -14.40
C LYS D 130 -51.99 -6.72 -13.03
N GLU D 131 -51.31 -7.19 -11.98
CA GLU D 131 -51.52 -6.70 -10.63
C GLU D 131 -50.55 -5.59 -10.25
N ASN D 132 -49.82 -5.03 -11.24
CA ASN D 132 -48.85 -3.96 -11.01
C ASN D 132 -47.78 -4.37 -10.01
N LYS D 133 -47.32 -5.61 -10.11
CA LYS D 133 -46.27 -6.15 -9.27
C LYS D 133 -45.11 -6.68 -10.11
N LEU D 134 -44.71 -5.92 -11.13
CA LEU D 134 -43.57 -6.31 -11.95
C LEU D 134 -42.29 -6.34 -11.12
N LYS D 135 -41.87 -5.18 -10.60
CA LYS D 135 -40.81 -5.03 -9.62
C LYS D 135 -39.52 -5.74 -10.04
N ASP D 136 -38.95 -5.26 -11.14
CA ASP D 136 -37.73 -5.82 -11.73
C ASP D 136 -37.88 -7.32 -12.01
N ASN D 137 -38.95 -7.67 -12.73
CA ASN D 137 -39.21 -9.01 -13.25
C ASN D 137 -39.40 -10.05 -12.15
N ILE D 138 -39.82 -9.64 -10.95
CA ILE D 138 -40.12 -10.56 -9.86
C ILE D 138 -41.48 -10.18 -9.27
N TYR D 139 -42.43 -11.10 -9.34
CA TYR D 139 -43.76 -10.84 -8.80
C TYR D 139 -43.72 -10.86 -7.28
N GLN D 140 -44.24 -9.81 -6.66
CA GLN D 140 -44.22 -9.68 -5.21
C GLN D 140 -45.39 -10.44 -4.59
N LYS D 141 -45.09 -11.24 -3.58
CA LYS D 141 -46.12 -11.99 -2.87
C LYS D 141 -46.00 -11.79 -1.36
P 6MA F 13 7.06 -2.17 22.20
OP2 6MA F 13 5.54 -2.21 22.31
O5' 6MA F 13 7.39 -1.35 20.85
C5' 6MA F 13 8.75 -0.91 20.63
C4' 6MA F 13 8.73 0.39 19.86
O4' 6MA F 13 7.83 0.30 18.75
C3' 6MA F 13 8.30 1.59 20.68
O3' 6MA F 13 9.35 2.55 20.68
C2' 6MA F 13 7.07 2.11 19.95
C1' 6MA F 13 7.30 1.60 18.54
N9 6MA F 13 6.10 1.54 17.71
C8 6MA F 13 4.78 1.62 18.08
N7 6MA F 13 3.96 1.52 17.06
C5 6MA F 13 4.78 1.39 15.95
C6 6MA F 13 4.54 1.24 14.57
N1 6MA F 13 5.60 1.13 13.75
C2 6MA F 13 6.83 1.15 14.28
N3 6MA F 13 7.19 1.28 15.56
C4 6MA F 13 6.11 1.39 16.35
N6 6MA F 13 3.31 1.21 14.03
C1 6MA F 13 3.09 1.12 12.61
N SAM G . -0.91 -2.24 -8.28
CA SAM G . -2.20 -2.87 -8.08
C SAM G . -3.31 -1.83 -7.81
O SAM G . -4.36 -2.22 -7.28
OXT SAM G . -3.02 -0.65 -8.14
CB SAM G . -2.17 -3.88 -6.93
CG SAM G . -1.50 -5.20 -7.25
SD SAM G . -1.32 -6.20 -5.73
CE SAM G . 0.02 -5.36 -4.90
C5' SAM G . -0.48 -7.65 -6.41
C4' SAM G . -1.48 -8.78 -6.49
O4' SAM G . -0.86 -9.98 -6.91
C3' SAM G . -1.99 -9.14 -5.11
O3' SAM G . -2.97 -8.22 -4.71
C2' SAM G . -2.49 -10.57 -5.31
O2' SAM G . -3.84 -10.48 -5.65
C1' SAM G . -1.67 -11.05 -6.52
N9 SAM G . -0.92 -12.27 -6.31
C8 SAM G . -0.37 -12.61 -5.11
N7 SAM G . 0.26 -13.75 -5.13
C5 SAM G . 0.11 -14.18 -6.41
C6 SAM G . 0.55 -15.34 -7.08
N6 SAM G . 1.26 -16.28 -6.47
N1 SAM G . 0.24 -15.48 -8.37
C2 SAM G . -0.48 -14.54 -8.97
N3 SAM G . -0.94 -13.41 -8.45
C4 SAM G . -0.63 -13.28 -7.17
#